data_9MXL
#
_entry.id   9MXL
#
_cell.length_a   1.00
_cell.length_b   1.00
_cell.length_c   1.00
_cell.angle_alpha   90.00
_cell.angle_beta   90.00
_cell.angle_gamma   90.00
#
_symmetry.space_group_name_H-M   'P 1'
#
loop_
_entity.id
_entity.type
_entity.pdbx_description
1 polymer 'Cystic fibrosis transmembrane conductance regulator'
2 non-polymer "(6R,12R)-6-(5-bromofuran-2-yl)-7,9-dimethyl-8,10-dioxo-11-phenyl-7,8,9,10-tetrahydro-6H-pyrimido[4',5':3,4]pyrrolo[2,1-c][1,4]benzoxazine-2-carboxylic acid"
3 non-polymer 'MAGNESIUM ION'
4 non-polymer "ADENOSINE-5'-TRIPHOSPHATE"
5 non-polymer 'CHLORIDE ION'
6 water water
#
_entity_poly.entity_id   1
_entity_poly.type   'polypeptide(L)'
_entity_poly.pdbx_seq_one_letter_code
;MQRSPLEKASVVSKLFFSWTRPILRKGYRQRLELSDIYQIPSVDSADNLSEKLEREWDRELASKKNPKLINALRRCFFWR
FMFYGIFLYLGEVTKAVQPLLLGRIIASYDPDNKEERSIAIYLGIGLCLLFIVRTLLLHPAIFGLHHIGMQMRIAMFSLI
YKKTLKLSSRVLDKISIGQLVSLLSNNLNKFDEGLALAHFVWIAPLQVALLMGLIWELLQASAFCGLGFLIVLALFQAGL
GRMMMKYRDQRAGKISERLVITSEMIENIQSVKAYCWEEAMEKMIENLRQTELKLTRKAAYVRYFNSSAFFFSGFFVVFL
SVLPYALIKGIILRKIFTTISFCIVLRMAVTRQFPWAVQTWYDSLGAINKIQDFLQKQEYKTLEYNLTTTEVVMENVTAF
WEEGFGELFEKAKQNNNNRKTSNGDDSLFFSNFSLLGTPVLKDINFKIERGQLLAVAGSTGAGKTSLLMVIMGELEPSEG
KIKHSGRISFCSQFSWIMPGTIKENIIFGVSYDEYRYRSVIKACQLEEDISKFAEKDNIVLGEGGITLSGGQRARISLAR
AVYKDADLYLLDSPFGYLDVLTEKEIFESCVCKLMANKTRILVTSKMEHLKKADKILILHEGSSYFYGTFSELQNLQPDF
SSKLMGCDSFDQFSAERRNSILTETLHRFSLEGDAPVSWTETKKQSFKQTGEFGEKRKNSILNPINSIRKFSIVQKTPLQ
MNGIEEDSDEPLERRLSLVPDSEQGEAILPRISVISTGPTLQARRRQSVLNLMTHSVNQGQNIHRKTTASTRKVSLAPQA
NLTELDIYSRRLSQETGLEISEEINEEDLKECFFDDMESIPAVTTWNTYLRYITVHKSLIFVLIWCLVIFLAEVAASLVV
LWLLGNTPLQDKGNSTHSRNNSYAVIITSTSSYYVFYIYVGVADTLLAMGFFRGLPLVHTLITVSKILHHKMLHSVLQAP
MSTLNTLKAGGILNRFSKDIAILDDLLPLTIFDFIQLLLIVIGAIAVVAVLQPYIFVATVPVIVAFIMLRAYFLQTSQQL
KQLESEGRSPIFTHLVTSLKGLWTLRAFGRQPYFETLFHKALNLHTANWFLYLSTLRWFQMRIEMIFVIFFIAVTFISIL
TTGEGEGRVGIILTLAMNIMSTLQWAVNSSIDVDSLMRSVSRVFKFIDMPTEGKPTKSTKPYKNGQLSKVMIIENSHVKK
DDIWPSGGQMTVKDLTAKYTEGGNAILENISFSISPGQRVGLLGRTGSGKSTLLSAFLRLLNTEGEIQIDGVSWDSITLQ
QWRKAFGVIPQKVFIFSGTFRKNLDPYEQWSDQEIWKVADEVGLRSVIEQFPGKLDFVLVDGGCVLSHGHKQLMCLARSV
LSKAKILLLDQPSAHLDPVTYQIIRRTLKQAFADCTVILCEHRIEAMLECQQFLVIEENKVRQYDSIQKLLNERSLFRQA
ISPSDRVKLFPHRNSSKCKSKPQIAALKEETEEEVQDTRL
;
_entity_poly.pdbx_strand_id   B
#
# COMPACT_ATOMS: atom_id res chain seq x y z
N MET A 1 -17.20 15.92 15.30
CA MET A 1 -17.58 15.81 13.90
C MET A 1 -18.78 16.71 13.62
N GLN A 2 -18.54 17.87 13.01
CA GLN A 2 -19.60 18.82 12.72
C GLN A 2 -20.06 18.67 11.27
N ARG A 3 -21.33 19.05 11.03
CA ARG A 3 -21.92 18.89 9.70
C ARG A 3 -21.18 19.75 8.68
N SER A 4 -21.09 19.24 7.46
CA SER A 4 -20.38 19.95 6.41
C SER A 4 -21.16 21.19 5.98
N PRO A 5 -20.48 22.31 5.75
CA PRO A 5 -21.18 23.52 5.31
C PRO A 5 -21.82 23.39 3.93
N LEU A 6 -21.38 22.43 3.11
CA LEU A 6 -21.90 22.32 1.75
C LEU A 6 -23.39 22.04 1.72
N GLU A 7 -23.87 21.20 2.65
CA GLU A 7 -25.27 20.80 2.63
C GLU A 7 -26.20 22.00 2.82
N LYS A 8 -25.89 22.87 3.76
CA LYS A 8 -26.69 24.05 4.06
C LYS A 8 -25.88 25.28 3.67
N ALA A 9 -25.99 25.68 2.41
CA ALA A 9 -25.20 26.77 1.86
C ALA A 9 -26.11 27.58 0.93
N SER A 10 -25.46 28.47 0.16
CA SER A 10 -26.21 29.32 -0.79
C SER A 10 -25.75 29.01 -2.22
N VAL A 11 -26.48 29.47 -3.21
CA VAL A 11 -26.14 29.23 -4.61
C VAL A 11 -24.87 29.99 -5.00
N VAL A 12 -24.79 31.26 -4.61
CA VAL A 12 -23.59 32.03 -4.93
C VAL A 12 -22.39 31.52 -4.14
N SER A 13 -22.61 31.10 -2.89
CA SER A 13 -21.54 30.52 -2.08
C SER A 13 -21.03 29.21 -2.69
N LYS A 14 -21.94 28.39 -3.22
CA LYS A 14 -21.52 27.18 -3.91
C LYS A 14 -20.77 27.49 -5.21
N LEU A 15 -21.22 28.51 -5.94
CA LEU A 15 -20.56 28.86 -7.19
C LEU A 15 -19.14 29.36 -6.96
N PHE A 16 -18.92 30.14 -5.91
CA PHE A 16 -17.60 30.71 -5.66
C PHE A 16 -16.81 29.95 -4.60
N PHE A 17 -17.33 28.83 -4.09
CA PHE A 17 -16.63 27.99 -3.12
C PHE A 17 -16.27 28.78 -1.86
N SER A 18 -17.17 29.68 -1.45
CA SER A 18 -16.92 30.51 -0.28
C SER A 18 -17.01 29.72 1.02
N TRP A 19 -17.74 28.61 1.04
CA TRP A 19 -17.93 27.83 2.26
C TRP A 19 -16.64 27.24 2.80
N THR A 20 -15.56 27.24 2.02
CA THR A 20 -14.26 26.76 2.47
C THR A 20 -13.50 27.82 3.28
N ARG A 21 -14.07 29.01 3.45
CA ARG A 21 -13.36 30.07 4.17
C ARG A 21 -12.99 29.69 5.61
N PRO A 22 -13.89 29.13 6.44
CA PRO A 22 -13.52 28.90 7.85
C PRO A 22 -12.31 28.02 8.06
N ILE A 23 -12.12 26.98 7.25
CA ILE A 23 -10.96 26.12 7.44
C ILE A 23 -9.68 26.84 7.03
N LEU A 24 -9.73 27.60 5.93
CA LEU A 24 -8.53 28.28 5.44
C LEU A 24 -8.02 29.30 6.44
N ARG A 25 -8.93 30.06 7.06
CA ARG A 25 -8.52 30.96 8.13
C ARG A 25 -7.97 30.20 9.33
N LYS A 26 -8.52 29.01 9.62
CA LYS A 26 -8.12 28.31 10.83
C LYS A 26 -6.73 27.70 10.70
N GLY A 27 -6.41 27.14 9.55
CA GLY A 27 -5.12 26.52 9.35
C GLY A 27 -3.98 27.47 9.00
N TYR A 28 -4.30 28.71 8.64
CA TYR A 28 -3.24 29.69 8.38
C TYR A 28 -2.53 30.07 9.66
N ARG A 29 -3.25 30.13 10.78
CA ARG A 29 -2.68 30.56 12.04
C ARG A 29 -2.08 29.43 12.86
N GLN A 30 -2.76 28.30 12.95
CA GLN A 30 -2.43 27.26 13.91
C GLN A 30 -2.48 25.89 13.25
N ARG A 31 -2.27 24.86 14.06
CA ARG A 31 -2.40 23.48 13.61
C ARG A 31 -3.86 23.06 13.62
N LEU A 32 -4.27 22.37 12.56
CA LEU A 32 -5.65 21.90 12.49
C LEU A 32 -5.92 20.87 13.58
N GLU A 33 -7.09 20.96 14.20
CA GLU A 33 -7.45 20.08 15.29
C GLU A 33 -8.49 19.06 14.85
N LEU A 34 -8.86 18.15 15.76
CA LEU A 34 -9.81 17.04 15.43
C LEU A 34 -11.18 17.61 15.06
N SER A 35 -11.67 18.63 15.77
CA SER A 35 -12.98 19.18 15.50
C SER A 35 -13.03 20.05 14.25
N ASP A 36 -11.94 20.12 13.50
CA ASP A 36 -11.89 20.94 12.29
C ASP A 36 -12.41 20.23 11.06
N ILE A 37 -12.52 18.90 11.08
CA ILE A 37 -12.94 18.14 9.92
C ILE A 37 -14.45 17.95 9.95
N TYR A 38 -15.08 18.00 8.78
CA TYR A 38 -16.53 17.88 8.67
C TYR A 38 -16.92 16.44 8.35
N GLN A 39 -18.16 16.10 8.69
CA GLN A 39 -18.75 14.87 8.19
C GLN A 39 -19.01 14.98 6.70
N ILE A 40 -18.89 13.86 6.00
CA ILE A 40 -19.04 13.84 4.55
C ILE A 40 -20.49 14.12 4.18
N PRO A 41 -20.75 14.69 3.00
CA PRO A 41 -22.14 14.78 2.52
C PRO A 41 -22.73 13.39 2.38
N SER A 42 -24.02 13.27 2.70
CA SER A 42 -24.66 11.95 2.76
C SER A 42 -24.62 11.22 1.43
N VAL A 43 -24.46 11.94 0.31
CA VAL A 43 -24.41 11.30 -1.00
C VAL A 43 -23.10 10.56 -1.23
N ASP A 44 -22.04 10.88 -0.47
CA ASP A 44 -20.76 10.23 -0.63
C ASP A 44 -20.53 9.05 0.31
N SER A 45 -21.52 8.71 1.14
CA SER A 45 -21.34 7.60 2.06
C SER A 45 -21.23 6.28 1.30
N ALA A 46 -20.38 5.39 1.81
CA ALA A 46 -20.06 4.16 1.08
C ALA A 46 -21.26 3.24 0.95
N ASP A 47 -22.15 3.21 1.95
CA ASP A 47 -23.30 2.31 1.91
C ASP A 47 -24.19 2.60 0.70
N ASN A 48 -24.57 3.86 0.50
CA ASN A 48 -25.51 4.21 -0.55
C ASN A 48 -24.94 3.92 -1.94
N LEU A 49 -23.71 4.37 -2.19
CA LEU A 49 -23.09 4.14 -3.49
C LEU A 49 -22.91 2.65 -3.74
N SER A 50 -22.49 1.91 -2.73
CA SER A 50 -22.34 0.47 -2.87
C SER A 50 -23.67 -0.19 -3.23
N GLU A 51 -24.75 0.20 -2.55
CA GLU A 51 -26.05 -0.40 -2.82
C GLU A 51 -26.51 -0.10 -4.24
N LYS A 52 -26.36 1.15 -4.68
CA LYS A 52 -26.80 1.52 -6.03
C LYS A 52 -26.04 0.73 -7.10
N LEU A 53 -24.70 0.73 -7.02
CA LEU A 53 -23.94 0.02 -8.04
C LEU A 53 -24.17 -1.48 -7.97
N GLU A 54 -24.37 -2.02 -6.77
CA GLU A 54 -24.65 -3.44 -6.63
C GLU A 54 -25.96 -3.81 -7.31
N ARG A 55 -27.00 -2.99 -7.14
CA ARG A 55 -28.26 -3.26 -7.81
C ARG A 55 -28.10 -3.23 -9.33
N GLU A 56 -27.39 -2.21 -9.86
CA GLU A 56 -27.24 -2.14 -11.31
C GLU A 56 -26.41 -3.30 -11.85
N TRP A 57 -25.35 -3.69 -11.13
CA TRP A 57 -24.54 -4.81 -11.58
C TRP A 57 -25.31 -6.13 -11.52
N ASP A 58 -26.17 -6.30 -10.52
CA ASP A 58 -26.98 -7.51 -10.44
C ASP A 58 -28.02 -7.56 -11.57
N ARG A 59 -28.61 -6.41 -11.90
CA ARG A 59 -29.52 -6.38 -13.04
C ARG A 59 -28.79 -6.74 -14.32
N GLU A 60 -27.57 -6.21 -14.49
CA GLU A 60 -26.76 -6.53 -15.66
C GLU A 60 -26.43 -8.03 -15.73
N LEU A 61 -26.08 -8.63 -14.58
CA LEU A 61 -25.76 -10.05 -14.56
C LEU A 61 -27.00 -10.89 -14.88
N ALA A 62 -28.15 -10.53 -14.32
CA ALA A 62 -29.36 -11.33 -14.48
C ALA A 62 -30.09 -11.09 -15.79
N SER A 63 -29.75 -10.04 -16.54
CA SER A 63 -30.47 -9.77 -17.78
C SER A 63 -29.71 -10.19 -19.04
N LYS A 64 -28.40 -9.93 -19.09
CA LYS A 64 -27.64 -10.06 -20.33
C LYS A 64 -26.82 -11.35 -20.35
N LYS A 65 -26.53 -11.81 -21.58
CA LYS A 65 -25.69 -12.99 -21.77
C LYS A 65 -24.20 -12.66 -21.74
N ASN A 66 -23.82 -11.42 -22.02
CA ASN A 66 -22.43 -10.97 -21.95
C ASN A 66 -22.37 -9.70 -21.12
N PRO A 67 -22.34 -9.84 -19.79
CA PRO A 67 -22.44 -8.66 -18.92
C PRO A 67 -21.20 -7.78 -18.99
N LYS A 68 -21.40 -6.50 -18.71
CA LYS A 68 -20.32 -5.52 -18.71
C LYS A 68 -20.53 -4.52 -17.58
N LEU A 69 -19.47 -4.27 -16.81
CA LEU A 69 -19.55 -3.32 -15.71
C LEU A 69 -19.72 -1.88 -16.19
N ILE A 70 -19.15 -1.56 -17.36
CA ILE A 70 -19.27 -0.22 -17.90
C ILE A 70 -20.73 0.16 -18.15
N ASN A 71 -21.56 -0.83 -18.50
CA ASN A 71 -23.00 -0.54 -18.67
C ASN A 71 -23.64 -0.11 -17.36
N ALA A 72 -23.32 -0.79 -16.26
CA ALA A 72 -23.86 -0.41 -14.97
C ALA A 72 -23.38 0.97 -14.54
N LEU A 73 -22.08 1.24 -14.74
CA LEU A 73 -21.56 2.58 -14.41
C LEU A 73 -22.26 3.65 -15.24
N ARG A 74 -22.51 3.36 -16.51
CA ARG A 74 -23.21 4.32 -17.37
C ARG A 74 -24.61 4.58 -16.84
N ARG A 75 -25.36 3.52 -16.54
CA ARG A 75 -26.71 3.68 -16.00
C ARG A 75 -26.68 4.47 -14.70
N CYS A 76 -25.58 4.44 -13.97
CA CYS A 76 -25.50 5.22 -12.73
C CYS A 76 -25.08 6.69 -12.93
N PHE A 77 -24.25 7.01 -13.93
CA PHE A 77 -23.62 8.33 -13.95
C PHE A 77 -23.69 9.13 -15.27
N PHE A 78 -24.30 8.58 -16.32
CA PHE A 78 -24.13 9.16 -17.66
C PHE A 78 -24.69 10.58 -17.76
N TRP A 79 -25.85 10.82 -17.16
CA TRP A 79 -26.52 12.11 -17.34
C TRP A 79 -25.72 13.24 -16.72
N ARG A 80 -25.25 13.05 -15.48
CA ARG A 80 -24.44 14.09 -14.85
C ARG A 80 -23.12 14.28 -15.58
N PHE A 81 -22.53 13.18 -16.06
CA PHE A 81 -21.31 13.28 -16.87
C PHE A 81 -21.52 14.20 -18.07
N MET A 82 -22.58 13.95 -18.84
CA MET A 82 -22.85 14.77 -20.02
C MET A 82 -23.18 16.21 -19.65
N PHE A 83 -23.91 16.40 -18.55
CA PHE A 83 -24.28 17.74 -18.11
C PHE A 83 -23.03 18.57 -17.84
N TYR A 84 -22.02 18.00 -17.18
CA TYR A 84 -20.80 18.76 -16.94
C TYR A 84 -19.97 18.92 -18.21
N GLY A 85 -19.97 17.91 -19.09
CA GLY A 85 -19.21 18.02 -20.32
C GLY A 85 -19.67 19.17 -21.20
N ILE A 86 -20.99 19.42 -21.23
CA ILE A 86 -21.51 20.51 -22.07
C ILE A 86 -20.97 21.85 -21.60
N PHE A 87 -21.01 22.10 -20.28
CA PHE A 87 -20.51 23.37 -19.77
C PHE A 87 -19.00 23.48 -19.94
N LEU A 88 -18.28 22.37 -19.82
CA LEU A 88 -16.86 22.39 -20.11
C LEU A 88 -16.60 22.82 -21.56
N TYR A 89 -17.37 22.29 -22.50
CA TYR A 89 -17.20 22.68 -23.90
C TYR A 89 -17.51 24.15 -24.11
N LEU A 90 -18.59 24.64 -23.49
CA LEU A 90 -18.94 26.05 -23.65
C LEU A 90 -17.83 26.95 -23.10
N GLY A 91 -17.22 26.55 -21.98
CA GLY A 91 -16.09 27.32 -21.46
C GLY A 91 -14.90 27.29 -22.40
N GLU A 92 -14.60 26.13 -22.98
CA GLU A 92 -13.44 26.04 -23.86
C GLU A 92 -13.65 26.82 -25.16
N VAL A 93 -14.90 27.01 -25.58
CA VAL A 93 -15.15 27.76 -26.82
C VAL A 93 -14.69 29.21 -26.69
N THR A 94 -14.84 29.80 -25.50
CA THR A 94 -14.51 31.22 -25.32
C THR A 94 -13.05 31.51 -25.61
N LYS A 95 -12.16 30.56 -25.34
CA LYS A 95 -10.74 30.75 -25.63
C LYS A 95 -10.50 30.87 -27.13
N ALA A 96 -11.24 30.10 -27.93
CA ALA A 96 -11.00 30.09 -29.37
C ALA A 96 -11.29 31.44 -30.02
N VAL A 97 -12.22 32.21 -29.46
CA VAL A 97 -12.65 33.46 -30.07
C VAL A 97 -12.02 34.69 -29.42
N GLN A 98 -11.20 34.51 -28.38
CA GLN A 98 -10.53 35.64 -27.75
C GLN A 98 -9.65 36.45 -28.69
N PRO A 99 -8.85 35.85 -29.59
CA PRO A 99 -8.01 36.67 -30.47
C PRO A 99 -8.79 37.64 -31.34
N LEU A 100 -10.07 37.36 -31.61
CA LEU A 100 -10.85 38.26 -32.46
C LEU A 100 -10.98 39.65 -31.85
N LEU A 101 -11.17 39.74 -30.53
CA LEU A 101 -11.29 41.02 -29.86
C LEU A 101 -9.93 41.59 -29.46
N LEU A 102 -9.07 40.74 -28.90
CA LEU A 102 -7.76 41.20 -28.43
C LEU A 102 -6.89 41.70 -29.57
N GLY A 103 -6.90 41.00 -30.70
CA GLY A 103 -6.13 41.44 -31.84
C GLY A 103 -6.55 42.81 -32.35
N ARG A 104 -7.86 43.05 -32.44
CA ARG A 104 -8.34 44.37 -32.86
C ARG A 104 -7.96 45.44 -31.85
N ILE A 105 -8.10 45.13 -30.56
CA ILE A 105 -7.75 46.11 -29.52
C ILE A 105 -6.28 46.48 -29.61
N ILE A 106 -5.41 45.50 -29.87
CA ILE A 106 -3.98 45.78 -30.00
C ILE A 106 -3.70 46.55 -31.29
N ALA A 107 -4.40 46.21 -32.37
CA ALA A 107 -4.21 46.93 -33.62
C ALA A 107 -4.61 48.40 -33.50
N SER A 108 -5.54 48.70 -32.58
CA SER A 108 -5.97 50.08 -32.42
C SER A 108 -4.86 51.01 -31.92
N TYR A 109 -3.76 50.46 -31.41
CA TYR A 109 -2.66 51.32 -30.95
C TYR A 109 -1.95 52.01 -32.11
N ASP A 110 -2.21 51.58 -33.34
CA ASP A 110 -1.54 52.12 -34.52
C ASP A 110 -2.39 53.21 -35.14
N PRO A 111 -1.89 54.45 -35.25
CA PRO A 111 -2.72 55.53 -35.83
C PRO A 111 -3.16 55.28 -37.26
N ASP A 112 -2.52 54.35 -37.98
CA ASP A 112 -2.95 54.04 -39.33
C ASP A 112 -4.20 53.17 -39.36
N ASN A 113 -4.57 52.56 -38.23
CA ASN A 113 -5.73 51.68 -38.17
C ASN A 113 -6.94 52.46 -37.65
N LYS A 114 -7.39 53.42 -38.48
CA LYS A 114 -8.44 54.34 -38.07
C LYS A 114 -9.78 53.62 -37.87
N GLU A 115 -10.00 52.52 -38.57
CA GLU A 115 -11.28 51.84 -38.50
C GLU A 115 -11.51 51.20 -37.13
N GLU A 116 -10.52 50.46 -36.64
CA GLU A 116 -10.65 49.78 -35.36
C GLU A 116 -10.63 50.74 -34.18
N ARG A 117 -10.09 51.95 -34.38
CA ARG A 117 -10.07 52.97 -33.30
C ARG A 117 -11.48 53.51 -33.08
N SER A 118 -12.42 53.23 -33.99
CA SER A 118 -13.79 53.71 -33.85
C SER A 118 -14.57 52.92 -32.82
N ILE A 119 -14.34 51.62 -32.69
CA ILE A 119 -15.18 50.77 -31.86
C ILE A 119 -14.38 50.08 -30.76
N ALA A 120 -13.32 50.73 -30.28
CA ALA A 120 -12.43 50.10 -29.31
C ALA A 120 -13.14 49.82 -27.99
N ILE A 121 -13.99 50.74 -27.53
CA ILE A 121 -14.60 50.61 -26.21
C ILE A 121 -15.60 49.46 -26.18
N TYR A 122 -16.33 49.25 -27.28
CA TYR A 122 -17.25 48.11 -27.36
C TYR A 122 -16.49 46.78 -27.35
N LEU A 123 -15.37 46.72 -28.08
CA LEU A 123 -14.55 45.52 -28.04
C LEU A 123 -14.02 45.26 -26.64
N GLY A 124 -13.64 46.33 -25.92
CA GLY A 124 -13.19 46.15 -24.54
C GLY A 124 -14.28 45.62 -23.64
N ILE A 125 -15.50 46.13 -23.79
CA ILE A 125 -16.64 45.63 -23.01
C ILE A 125 -16.87 44.16 -23.30
N GLY A 126 -16.85 43.78 -24.58
CA GLY A 126 -17.04 42.39 -24.94
C GLY A 126 -15.96 41.49 -24.38
N LEU A 127 -14.71 41.96 -24.40
CA LEU A 127 -13.61 41.19 -23.83
C LEU A 127 -13.80 40.97 -22.33
N CYS A 128 -14.22 42.01 -21.62
CA CYS A 128 -14.48 41.86 -20.19
C CYS A 128 -15.59 40.85 -19.92
N LEU A 129 -16.67 40.92 -20.70
CA LEU A 129 -17.77 39.97 -20.51
C LEU A 129 -17.32 38.54 -20.79
N LEU A 130 -16.53 38.34 -21.85
CA LEU A 130 -15.99 37.02 -22.14
C LEU A 130 -15.13 36.50 -21.00
N PHE A 131 -14.26 37.35 -20.46
CA PHE A 131 -13.40 36.95 -19.36
C PHE A 131 -14.23 36.55 -18.15
N ILE A 132 -15.31 37.27 -17.87
CA ILE A 132 -16.14 36.94 -16.71
C ILE A 132 -16.84 35.60 -16.92
N VAL A 133 -17.43 35.38 -18.11
CA VAL A 133 -18.21 34.15 -18.29
C VAL A 133 -17.31 32.91 -18.30
N ARG A 134 -16.08 33.03 -18.79
CA ARG A 134 -15.21 31.85 -18.90
C ARG A 134 -14.93 31.23 -17.53
N THR A 135 -14.56 32.06 -16.56
CA THR A 135 -14.24 31.60 -15.18
C THR A 135 -15.45 30.91 -14.58
N LEU A 136 -16.65 31.49 -14.74
CA LEU A 136 -17.87 30.90 -14.19
C LEU A 136 -18.20 29.58 -14.84
N LEU A 137 -17.89 29.42 -16.12
CA LEU A 137 -18.20 28.16 -16.80
C LEU A 137 -17.22 27.05 -16.43
N LEU A 138 -15.94 27.37 -16.27
CA LEU A 138 -14.94 26.29 -16.22
C LEU A 138 -14.89 25.58 -14.86
N HIS A 139 -14.63 26.33 -13.78
CA HIS A 139 -14.26 25.69 -12.51
C HIS A 139 -15.36 24.83 -11.90
N PRO A 140 -16.64 25.27 -11.84
CA PRO A 140 -17.67 24.38 -11.29
C PRO A 140 -17.81 23.06 -12.02
N ALA A 141 -17.67 23.06 -13.35
CA ALA A 141 -17.76 21.80 -14.09
C ALA A 141 -16.62 20.85 -13.73
N ILE A 142 -15.41 21.39 -13.56
CA ILE A 142 -14.27 20.56 -13.18
C ILE A 142 -14.50 19.94 -11.81
N PHE A 143 -15.02 20.74 -10.86
CA PHE A 143 -15.32 20.18 -9.55
C PHE A 143 -16.39 19.09 -9.63
N GLY A 144 -17.43 19.32 -10.43
CA GLY A 144 -18.46 18.30 -10.58
C GLY A 144 -17.90 17.00 -11.12
N LEU A 145 -17.01 17.09 -12.12
CA LEU A 145 -16.40 15.89 -12.68
C LEU A 145 -15.53 15.16 -11.66
N HIS A 146 -14.75 15.91 -10.87
CA HIS A 146 -13.94 15.27 -9.83
C HIS A 146 -14.81 14.55 -8.80
N HIS A 147 -15.92 15.18 -8.40
CA HIS A 147 -16.83 14.56 -7.44
C HIS A 147 -17.43 13.26 -7.99
N ILE A 148 -17.83 13.28 -9.27
CA ILE A 148 -18.38 12.08 -9.89
C ILE A 148 -17.35 10.95 -9.91
N GLY A 149 -16.11 11.27 -10.29
CA GLY A 149 -15.08 10.25 -10.30
C GLY A 149 -14.82 9.65 -8.93
N MET A 150 -14.81 10.49 -7.90
CA MET A 150 -14.65 10.00 -6.54
C MET A 150 -15.76 9.02 -6.17
N GLN A 151 -17.01 9.35 -6.52
CA GLN A 151 -18.12 8.46 -6.21
C GLN A 151 -17.96 7.10 -6.89
N MET A 152 -17.57 7.11 -8.18
CA MET A 152 -17.34 5.83 -8.86
C MET A 152 -16.27 5.00 -8.17
N ARG A 153 -15.16 5.64 -7.81
CA ARG A 153 -14.06 4.88 -7.18
C ARG A 153 -14.52 4.24 -5.87
N ILE A 154 -15.25 4.99 -5.04
CA ILE A 154 -15.70 4.46 -3.76
C ILE A 154 -16.63 3.25 -3.97
N ALA A 155 -17.59 3.39 -4.90
CA ALA A 155 -18.52 2.30 -5.13
C ALA A 155 -17.79 1.02 -5.58
N MET A 156 -16.83 1.18 -6.49
CA MET A 156 -16.10 0.02 -7.00
C MET A 156 -15.27 -0.64 -5.90
N PHE A 157 -14.63 0.17 -5.03
CA PHE A 157 -13.85 -0.41 -3.95
C PHE A 157 -14.74 -1.24 -3.01
N SER A 158 -15.94 -0.74 -2.71
CA SER A 158 -16.86 -1.50 -1.86
C SER A 158 -17.23 -2.83 -2.51
N LEU A 159 -17.51 -2.81 -3.82
CA LEU A 159 -17.82 -4.07 -4.51
C LEU A 159 -16.65 -5.04 -4.44
N ILE A 160 -15.42 -4.52 -4.57
CA ILE A 160 -14.23 -5.37 -4.55
C ILE A 160 -14.10 -6.08 -3.20
N TYR A 161 -14.27 -5.34 -2.10
CA TYR A 161 -14.16 -5.98 -0.78
C TYR A 161 -15.25 -7.02 -0.57
N LYS A 162 -16.48 -6.70 -0.97
CA LYS A 162 -17.56 -7.67 -0.81
C LYS A 162 -17.28 -8.95 -1.60
N LYS A 163 -16.71 -8.83 -2.80
CA LYS A 163 -16.35 -10.02 -3.56
C LYS A 163 -15.20 -10.78 -2.89
N THR A 164 -14.19 -10.05 -2.39
CA THR A 164 -13.06 -10.70 -1.74
C THR A 164 -13.53 -11.61 -0.62
N LEU A 165 -14.54 -11.17 0.13
CA LEU A 165 -15.01 -12.02 1.23
C LEU A 165 -15.61 -13.35 0.78
N LYS A 166 -15.95 -13.52 -0.49
CA LYS A 166 -16.64 -14.72 -0.95
C LYS A 166 -15.76 -15.67 -1.79
N LEU A 167 -14.46 -15.42 -1.87
CA LEU A 167 -13.62 -16.18 -2.78
C LEU A 167 -13.48 -17.63 -2.35
N SER A 168 -13.50 -18.54 -3.34
CA SER A 168 -13.25 -19.97 -3.03
C SER A 168 -11.79 -20.22 -2.65
N SER A 169 -11.55 -21.27 -1.91
CA SER A 169 -10.22 -21.61 -1.41
C SER A 169 -9.26 -21.93 -2.55
N ARG A 170 -9.76 -22.59 -3.59
CA ARG A 170 -8.92 -22.90 -4.76
C ARG A 170 -8.46 -21.65 -5.49
N VAL A 171 -9.22 -20.56 -5.40
CA VAL A 171 -8.84 -19.31 -6.05
C VAL A 171 -7.83 -18.52 -5.22
N LEU A 172 -7.85 -18.67 -3.90
CA LEU A 172 -7.02 -17.82 -3.03
C LEU A 172 -5.53 -18.03 -3.26
N ASP A 173 -5.14 -19.22 -3.72
CA ASP A 173 -3.72 -19.50 -3.91
C ASP A 173 -3.14 -18.79 -5.12
N LYS A 174 -3.96 -18.12 -5.92
CA LYS A 174 -3.48 -17.39 -7.09
C LYS A 174 -3.43 -15.88 -6.88
N ILE A 175 -4.04 -15.36 -5.82
CA ILE A 175 -4.03 -13.94 -5.52
C ILE A 175 -3.40 -13.73 -4.15
N SER A 176 -2.41 -12.86 -4.08
CA SER A 176 -1.75 -12.50 -2.83
C SER A 176 -2.16 -11.08 -2.43
N ILE A 177 -1.69 -10.67 -1.24
CA ILE A 177 -1.98 -9.32 -0.76
C ILE A 177 -1.35 -8.28 -1.68
N GLY A 178 -0.23 -8.64 -2.33
CA GLY A 178 0.42 -7.70 -3.23
C GLY A 178 -0.46 -7.30 -4.41
N GLN A 179 -1.14 -8.27 -5.01
CA GLN A 179 -1.97 -7.97 -6.18
C GLN A 179 -3.14 -7.06 -5.82
N LEU A 180 -3.86 -7.39 -4.74
CA LEU A 180 -4.99 -6.56 -4.31
C LEU A 180 -4.52 -5.17 -3.89
N VAL A 181 -3.41 -5.09 -3.16
CA VAL A 181 -2.89 -3.80 -2.72
C VAL A 181 -2.50 -2.96 -3.94
N SER A 182 -1.86 -3.58 -4.94
CA SER A 182 -1.52 -2.86 -6.15
C SER A 182 -2.77 -2.34 -6.85
N LEU A 183 -3.79 -3.19 -6.95
CA LEU A 183 -5.03 -2.79 -7.61
C LEU A 183 -5.66 -1.58 -6.93
N LEU A 184 -5.70 -1.58 -5.60
CA LEU A 184 -6.27 -0.44 -4.90
C LEU A 184 -5.38 0.79 -4.99
N SER A 185 -4.06 0.60 -4.88
CA SER A 185 -3.13 1.73 -4.81
C SER A 185 -3.03 2.46 -6.15
N ASN A 186 -3.17 1.73 -7.26
CA ASN A 186 -2.99 2.35 -8.57
C ASN A 186 -4.11 3.34 -8.90
N ASN A 187 -5.33 3.06 -8.46
CA ASN A 187 -6.48 3.88 -8.82
C ASN A 187 -6.92 4.83 -7.70
N LEU A 188 -6.15 4.96 -6.63
CA LEU A 188 -6.69 5.58 -5.42
C LEU A 188 -6.88 7.09 -5.60
N ASN A 189 -6.01 7.74 -6.37
CA ASN A 189 -6.17 9.18 -6.64
C ASN A 189 -6.20 9.55 -8.12
N LYS A 190 -5.76 8.68 -9.02
CA LYS A 190 -5.69 9.03 -10.44
C LYS A 190 -7.05 8.97 -11.11
N PHE A 191 -7.86 7.96 -10.74
CA PHE A 191 -9.15 7.76 -11.37
C PHE A 191 -10.06 8.96 -11.18
N ASP A 192 -10.01 9.57 -9.99
CA ASP A 192 -10.88 10.72 -9.71
C ASP A 192 -10.57 11.88 -10.64
N GLU A 193 -9.28 12.15 -10.88
CA GLU A 193 -8.90 13.31 -11.68
C GLU A 193 -8.94 13.05 -13.19
N GLY A 194 -8.96 11.79 -13.62
CA GLY A 194 -9.07 11.53 -15.06
C GLY A 194 -10.37 12.01 -15.67
N LEU A 195 -11.43 12.05 -14.86
CA LEU A 195 -12.73 12.46 -15.39
C LEU A 195 -12.75 13.92 -15.83
N ALA A 196 -11.83 14.73 -15.30
CA ALA A 196 -11.78 16.14 -15.70
C ALA A 196 -11.20 16.29 -17.11
N LEU A 197 -10.50 15.27 -17.59
CA LEU A 197 -9.90 15.30 -18.92
C LEU A 197 -10.61 14.41 -19.93
N ALA A 198 -11.51 13.53 -19.47
CA ALA A 198 -12.11 12.55 -20.38
C ALA A 198 -12.84 13.20 -21.57
N HIS A 199 -13.51 14.34 -21.39
CA HIS A 199 -14.40 14.87 -22.43
C HIS A 199 -13.63 15.44 -23.62
N PHE A 200 -12.30 15.59 -23.50
CA PHE A 200 -11.47 16.25 -24.56
C PHE A 200 -11.31 15.36 -25.78
N VAL A 201 -11.75 14.11 -25.75
CA VAL A 201 -11.71 13.26 -26.94
C VAL A 201 -12.65 13.77 -28.02
N TRP A 202 -13.75 14.41 -27.64
CA TRP A 202 -14.60 15.09 -28.62
C TRP A 202 -14.57 16.60 -28.52
N ILE A 203 -14.12 17.17 -27.40
CA ILE A 203 -14.03 18.64 -27.36
C ILE A 203 -12.91 19.13 -28.28
N ALA A 204 -11.78 18.44 -28.34
CA ALA A 204 -10.66 18.92 -29.14
C ALA A 204 -10.92 18.94 -30.64
N PRO A 205 -11.51 17.92 -31.28
CA PRO A 205 -11.76 18.02 -32.73
C PRO A 205 -12.65 19.18 -33.13
N LEU A 206 -13.66 19.51 -32.34
CA LEU A 206 -14.51 20.66 -32.66
C LEU A 206 -13.72 21.96 -32.58
N GLN A 207 -12.84 22.07 -31.58
CA GLN A 207 -11.96 23.23 -31.50
C GLN A 207 -11.06 23.32 -32.72
N VAL A 208 -10.52 22.19 -33.17
CA VAL A 208 -9.66 22.19 -34.35
C VAL A 208 -10.43 22.67 -35.57
N ALA A 209 -11.66 22.19 -35.74
CA ALA A 209 -12.48 22.62 -36.89
C ALA A 209 -12.74 24.12 -36.85
N LEU A 210 -13.15 24.64 -35.69
CA LEU A 210 -13.43 26.07 -35.57
C LEU A 210 -12.18 26.90 -35.82
N LEU A 211 -11.04 26.50 -35.24
CA LEU A 211 -9.81 27.26 -35.40
C LEU A 211 -9.33 27.24 -36.84
N MET A 212 -9.45 26.09 -37.53
CA MET A 212 -9.07 26.06 -38.94
C MET A 212 -9.97 26.97 -39.76
N GLY A 213 -11.26 26.98 -39.48
CA GLY A 213 -12.15 27.92 -40.16
C GLY A 213 -11.72 29.36 -39.96
N LEU A 214 -11.35 29.72 -38.73
CA LEU A 214 -10.94 31.10 -38.46
C LEU A 214 -9.59 31.45 -39.07
N ILE A 215 -8.66 30.48 -39.15
CA ILE A 215 -7.36 30.75 -39.76
C ILE A 215 -7.46 30.80 -41.28
N TRP A 216 -8.51 30.20 -41.86
CA TRP A 216 -8.71 30.30 -43.30
C TRP A 216 -8.85 31.76 -43.74
N GLU A 217 -9.42 32.61 -42.88
CA GLU A 217 -9.61 34.01 -43.25
C GLU A 217 -8.28 34.71 -43.52
N LEU A 218 -7.35 34.64 -42.57
CA LEU A 218 -6.07 35.34 -42.73
C LEU A 218 -5.23 34.71 -43.82
N LEU A 219 -5.09 33.39 -43.77
CA LEU A 219 -4.22 32.64 -44.67
C LEU A 219 -5.05 31.49 -45.22
N GLN A 220 -5.36 31.53 -46.51
CA GLN A 220 -6.35 30.57 -46.99
C GLN A 220 -5.77 29.17 -47.19
N ALA A 221 -4.84 29.03 -48.14
CA ALA A 221 -4.40 27.68 -48.50
C ALA A 221 -3.12 27.29 -47.75
N SER A 222 -2.48 28.26 -47.09
CA SER A 222 -1.19 27.99 -46.49
C SER A 222 -1.31 27.44 -45.07
N ALA A 223 -2.53 27.42 -44.52
CA ALA A 223 -2.72 26.87 -43.18
C ALA A 223 -2.61 25.35 -43.18
N PHE A 224 -2.86 24.73 -44.32
CA PHE A 224 -2.83 23.28 -44.42
C PHE A 224 -1.44 22.70 -44.21
N CYS A 225 -0.39 23.46 -44.48
CA CYS A 225 0.96 22.99 -44.18
C CYS A 225 1.13 22.74 -42.69
N GLY A 226 0.78 23.73 -41.87
CA GLY A 226 0.86 23.56 -40.43
C GLY A 226 -0.07 22.48 -39.94
N LEU A 227 -1.27 22.38 -40.53
CA LEU A 227 -2.18 21.32 -40.11
C LEU A 227 -1.62 19.93 -40.41
N GLY A 228 -0.98 19.76 -41.57
CA GLY A 228 -0.35 18.48 -41.87
C GLY A 228 0.78 18.14 -40.92
N PHE A 229 1.60 19.15 -40.57
CA PHE A 229 2.63 18.95 -39.57
C PHE A 229 2.01 18.46 -38.25
N LEU A 230 0.89 19.08 -37.86
CA LEU A 230 0.22 18.68 -36.63
C LEU A 230 -0.30 17.25 -36.70
N ILE A 231 -0.77 16.81 -37.88
CA ILE A 231 -1.38 15.45 -38.06
C ILE A 231 -0.26 14.41 -38.05
N VAL A 232 0.94 14.76 -38.47
CA VAL A 232 2.10 13.87 -38.32
C VAL A 232 2.52 13.78 -36.86
N LEU A 233 2.52 14.92 -36.16
CA LEU A 233 2.87 14.92 -34.74
C LEU A 233 1.89 14.08 -33.92
N ALA A 234 0.59 14.17 -34.24
CA ALA A 234 -0.40 13.39 -33.51
C ALA A 234 -0.18 11.89 -33.69
N LEU A 235 0.16 11.47 -34.92
CA LEU A 235 0.49 10.06 -35.14
C LEU A 235 1.70 9.63 -34.31
N PHE A 236 2.72 10.48 -34.28
CA PHE A 236 3.91 10.18 -33.47
C PHE A 236 3.54 10.00 -32.00
N GLN A 237 2.68 10.87 -31.48
CA GLN A 237 2.28 10.79 -30.07
C GLN A 237 1.48 9.52 -29.79
N ALA A 238 0.62 9.12 -30.73
CA ALA A 238 -0.10 7.85 -30.56
C ALA A 238 0.86 6.68 -30.45
N GLY A 239 1.87 6.65 -31.32
CA GLY A 239 2.86 5.58 -31.23
C GLY A 239 3.60 5.56 -29.91
N LEU A 240 4.00 6.75 -29.43
CA LEU A 240 4.68 6.84 -28.14
C LEU A 240 3.79 6.33 -27.01
N GLY A 241 2.51 6.66 -27.05
CA GLY A 241 1.59 6.14 -26.04
C GLY A 241 1.50 4.63 -26.03
N ARG A 242 1.46 4.03 -27.23
CA ARG A 242 1.45 2.57 -27.32
C ARG A 242 2.69 1.96 -26.68
N MET A 243 3.86 2.55 -26.92
CA MET A 243 5.12 1.98 -26.37
C MET A 243 5.12 2.08 -24.83
N MET A 244 4.69 3.22 -24.31
CA MET A 244 4.67 3.42 -22.83
C MET A 244 3.76 2.37 -22.20
N MET A 245 2.57 2.17 -22.77
CA MET A 245 1.60 1.20 -22.21
C MET A 245 2.24 -0.19 -22.24
N LYS A 246 2.96 -0.50 -23.33
CA LYS A 246 3.66 -1.78 -23.40
C LYS A 246 4.68 -1.92 -22.27
N TYR A 247 5.42 -0.86 -21.99
CA TYR A 247 6.38 -0.92 -20.89
C TYR A 247 5.69 -1.09 -19.54
N ARG A 248 4.53 -0.44 -19.35
CA ARG A 248 3.81 -0.60 -18.08
C ARG A 248 3.32 -2.04 -17.88
N ASP A 249 2.91 -2.72 -18.96
CA ASP A 249 2.35 -4.06 -18.81
C ASP A 249 3.35 -5.05 -18.22
N GLN A 250 4.65 -4.84 -18.49
CA GLN A 250 5.64 -5.82 -18.07
C GLN A 250 6.16 -5.59 -16.66
N ARG A 251 5.70 -4.52 -15.99
CA ARG A 251 6.31 -4.14 -14.72
C ARG A 251 5.49 -4.57 -13.49
N ALA A 252 4.18 -4.78 -13.65
CA ALA A 252 3.27 -4.94 -12.52
C ALA A 252 3.55 -6.17 -11.65
N GLY A 253 3.86 -7.30 -12.28
CA GLY A 253 4.09 -8.52 -11.52
C GLY A 253 5.25 -8.41 -10.55
N LYS A 254 6.32 -7.73 -11.00
CA LYS A 254 7.55 -7.52 -10.19
C LYS A 254 7.24 -6.62 -9.00
N ILE A 255 6.34 -5.63 -9.15
CA ILE A 255 5.93 -4.79 -8.03
C ILE A 255 5.13 -5.61 -7.02
N SER A 256 4.21 -6.45 -7.51
CA SER A 256 3.43 -7.28 -6.59
C SER A 256 4.33 -8.22 -5.79
N GLU A 257 5.30 -8.84 -6.46
CA GLU A 257 6.23 -9.75 -5.79
C GLU A 257 7.04 -9.02 -4.72
N ARG A 258 7.56 -7.84 -5.05
CA ARG A 258 8.32 -7.06 -4.08
C ARG A 258 7.48 -6.71 -2.86
N LEU A 259 6.23 -6.32 -3.09
CA LEU A 259 5.36 -5.97 -1.97
C LEU A 259 5.14 -7.18 -1.06
N VAL A 260 4.90 -8.36 -1.65
CA VAL A 260 4.70 -9.56 -0.85
C VAL A 260 5.92 -9.82 0.04
N ILE A 261 7.11 -9.82 -0.57
CA ILE A 261 8.33 -10.15 0.17
C ILE A 261 8.59 -9.13 1.28
N THR A 262 8.43 -7.84 0.98
CA THR A 262 8.66 -6.79 1.97
C THR A 262 7.71 -6.93 3.14
N SER A 263 6.42 -7.16 2.87
CA SER A 263 5.46 -7.30 3.96
C SER A 263 5.79 -8.49 4.84
N GLU A 264 6.14 -9.63 4.24
CA GLU A 264 6.47 -10.81 5.02
C GLU A 264 7.69 -10.57 5.91
N MET A 265 8.73 -9.97 5.33
CA MET A 265 9.98 -9.70 6.08
C MET A 265 9.69 -8.80 7.28
N ILE A 266 8.95 -7.70 7.08
CA ILE A 266 8.71 -6.78 8.18
C ILE A 266 7.80 -7.40 9.23
N GLU A 267 6.92 -8.32 8.81
CA GLU A 267 6.12 -9.04 9.79
C GLU A 267 6.97 -9.97 10.65
N ASN A 268 8.01 -10.58 10.09
CA ASN A 268 8.85 -11.52 10.82
C ASN A 268 10.22 -10.95 11.19
N ILE A 269 10.30 -9.62 11.29
CA ILE A 269 11.54 -8.91 11.66
C ILE A 269 12.25 -9.55 12.85
N GLN A 270 11.50 -10.10 13.82
CA GLN A 270 12.16 -10.65 15.00
C GLN A 270 13.00 -11.88 14.65
N SER A 271 12.43 -12.82 13.89
CA SER A 271 13.21 -13.94 13.38
C SER A 271 14.33 -13.46 12.46
N VAL A 272 14.07 -12.41 11.67
CA VAL A 272 15.09 -11.88 10.77
C VAL A 272 16.32 -11.44 11.58
N LYS A 273 16.09 -10.72 12.68
CA LYS A 273 17.20 -10.27 13.52
C LYS A 273 17.87 -11.44 14.25
N ALA A 274 17.08 -12.39 14.73
CA ALA A 274 17.66 -13.53 15.44
C ALA A 274 18.55 -14.37 14.53
N TYR A 275 18.22 -14.45 13.23
CA TYR A 275 18.98 -15.21 12.26
C TYR A 275 20.18 -14.46 11.69
N CYS A 276 20.27 -13.14 11.93
CA CYS A 276 21.25 -12.27 11.26
C CYS A 276 21.10 -12.32 9.75
N TRP A 277 19.85 -12.19 9.27
CA TRP A 277 19.51 -12.35 7.86
C TRP A 277 19.26 -11.04 7.13
N GLU A 278 19.60 -9.89 7.74
CA GLU A 278 19.23 -8.60 7.16
C GLU A 278 19.80 -8.40 5.76
N GLU A 279 21.07 -8.75 5.58
CA GLU A 279 21.75 -8.53 4.30
C GLU A 279 21.14 -9.38 3.19
N ALA A 280 20.73 -10.61 3.49
CA ALA A 280 20.12 -11.46 2.49
C ALA A 280 18.79 -10.87 2.00
N MET A 281 17.96 -10.39 2.91
CA MET A 281 16.71 -9.75 2.52
C MET A 281 16.97 -8.49 1.69
N GLU A 282 17.95 -7.70 2.10
CA GLU A 282 18.29 -6.51 1.34
C GLU A 282 18.73 -6.87 -0.09
N LYS A 283 19.51 -7.94 -0.23
CA LYS A 283 19.96 -8.38 -1.55
C LYS A 283 18.78 -8.82 -2.42
N MET A 284 17.85 -9.59 -1.83
CA MET A 284 16.66 -10.01 -2.58
C MET A 284 15.88 -8.81 -3.12
N ILE A 285 15.60 -7.86 -2.23
CA ILE A 285 14.82 -6.69 -2.64
C ILE A 285 15.57 -5.87 -3.70
N GLU A 286 16.88 -5.73 -3.54
CA GLU A 286 17.67 -4.98 -4.52
C GLU A 286 17.63 -5.66 -5.88
N ASN A 287 17.67 -6.99 -5.92
CA ASN A 287 17.57 -7.69 -7.19
C ASN A 287 16.23 -7.43 -7.86
N LEU A 288 15.15 -7.41 -7.10
CA LEU A 288 13.84 -7.10 -7.71
C LEU A 288 13.80 -5.65 -8.23
N ARG A 289 14.29 -4.71 -7.43
CA ARG A 289 14.24 -3.30 -7.80
C ARG A 289 15.06 -3.03 -9.06
N GLN A 290 16.18 -3.74 -9.23
CA GLN A 290 17.00 -3.54 -10.42
C GLN A 290 16.24 -3.90 -11.69
N THR A 291 15.45 -4.98 -11.65
CA THR A 291 14.65 -5.34 -12.82
C THR A 291 13.55 -4.33 -13.08
N GLU A 292 12.90 -3.82 -12.03
CA GLU A 292 11.78 -2.92 -12.29
C GLU A 292 12.24 -1.52 -12.74
N LEU A 293 13.42 -1.08 -12.30
CA LEU A 293 13.85 0.29 -12.62
C LEU A 293 14.17 0.47 -14.09
N LYS A 294 14.59 -0.58 -14.79
CA LYS A 294 14.87 -0.45 -16.23
C LYS A 294 13.61 -0.10 -17.01
N LEU A 295 12.52 -0.82 -16.74
CA LEU A 295 11.25 -0.52 -17.37
C LEU A 295 10.78 0.89 -17.01
N THR A 296 10.96 1.28 -15.74
CA THR A 296 10.60 2.63 -15.35
C THR A 296 11.38 3.67 -16.17
N ARG A 297 12.68 3.44 -16.37
CA ARG A 297 13.51 4.40 -17.11
C ARG A 297 13.07 4.51 -18.57
N LYS A 298 12.79 3.37 -19.21
CA LYS A 298 12.36 3.44 -20.61
C LYS A 298 11.02 4.15 -20.75
N ALA A 299 10.08 3.90 -19.83
CA ALA A 299 8.82 4.61 -19.86
C ALA A 299 9.03 6.12 -19.69
N ALA A 300 9.94 6.51 -18.79
CA ALA A 300 10.23 7.92 -18.60
C ALA A 300 10.83 8.54 -19.87
N TYR A 301 11.69 7.81 -20.56
CA TYR A 301 12.27 8.33 -21.80
C TYR A 301 11.18 8.60 -22.84
N VAL A 302 10.21 7.70 -22.95
CA VAL A 302 9.14 7.87 -23.98
C VAL A 302 8.18 9.00 -23.55
N ARG A 303 7.94 9.15 -22.24
CA ARG A 303 7.09 10.23 -21.75
C ARG A 303 7.75 11.59 -21.92
N TYR A 304 9.09 11.65 -21.90
CA TYR A 304 9.75 12.93 -22.10
C TYR A 304 9.43 13.50 -23.48
N PHE A 305 9.59 12.70 -24.53
CA PHE A 305 9.29 13.17 -25.88
C PHE A 305 7.81 13.52 -26.01
N ASN A 306 6.94 12.70 -25.40
CA ASN A 306 5.51 13.00 -25.45
C ASN A 306 5.22 14.37 -24.85
N SER A 307 5.83 14.69 -23.71
CA SER A 307 5.60 15.99 -23.09
C SER A 307 6.23 17.13 -23.88
N SER A 308 7.41 16.91 -24.47
CA SER A 308 8.10 17.98 -25.16
C SER A 308 7.49 18.30 -26.52
N ALA A 309 6.58 17.44 -27.01
CA ALA A 309 5.95 17.70 -28.30
C ALA A 309 5.34 19.11 -28.38
N PHE A 310 4.70 19.58 -27.29
CA PHE A 310 4.02 20.87 -27.34
C PHE A 310 5.01 22.02 -27.52
N PHE A 311 6.11 22.00 -26.78
CA PHE A 311 6.98 23.17 -26.73
C PHE A 311 7.77 23.36 -28.02
N PHE A 312 8.04 22.28 -28.75
CA PHE A 312 8.85 22.36 -29.95
C PHE A 312 8.03 22.63 -31.22
N SER A 313 6.71 22.61 -31.13
CA SER A 313 5.89 22.75 -32.34
C SER A 313 5.55 24.21 -32.64
N GLY A 314 5.88 25.13 -31.74
CA GLY A 314 5.40 26.51 -31.89
C GLY A 314 5.94 27.20 -33.12
N PHE A 315 7.25 27.09 -33.36
CA PHE A 315 7.85 27.80 -34.48
C PHE A 315 7.48 27.17 -35.81
N PHE A 316 7.41 25.83 -35.85
CA PHE A 316 7.20 25.13 -37.13
C PHE A 316 5.83 25.44 -37.73
N VAL A 317 4.77 25.43 -36.91
CA VAL A 317 3.43 25.66 -37.44
C VAL A 317 3.33 27.04 -38.06
N VAL A 318 3.82 28.06 -37.34
CA VAL A 318 3.72 29.43 -37.81
C VAL A 318 4.58 29.63 -39.06
N PHE A 319 5.82 29.13 -39.04
CA PHE A 319 6.70 29.31 -40.18
C PHE A 319 6.15 28.63 -41.43
N LEU A 320 5.66 27.40 -41.28
CA LEU A 320 5.15 26.67 -42.44
C LEU A 320 3.85 27.29 -42.95
N SER A 321 3.03 27.85 -42.06
CA SER A 321 1.82 28.51 -42.50
C SER A 321 2.12 29.82 -43.21
N VAL A 322 3.15 30.54 -42.75
CA VAL A 322 3.37 31.90 -43.24
C VAL A 322 4.17 31.89 -44.53
N LEU A 323 5.15 30.99 -44.65
CA LEU A 323 6.12 31.07 -45.75
C LEU A 323 5.47 31.14 -47.13
N PRO A 324 4.53 30.26 -47.51
CA PRO A 324 3.89 30.44 -48.83
C PRO A 324 3.17 31.77 -48.97
N TYR A 325 2.52 32.23 -47.90
CA TYR A 325 1.81 33.51 -47.97
C TYR A 325 2.79 34.66 -48.13
N ALA A 326 3.86 34.67 -47.33
CA ALA A 326 4.85 35.74 -47.42
C ALA A 326 5.66 35.67 -48.71
N LEU A 327 5.62 34.55 -49.42
CA LEU A 327 6.31 34.47 -50.69
C LEU A 327 5.44 34.90 -51.86
N ILE A 328 4.24 34.32 -52.00
CA ILE A 328 3.39 34.66 -53.14
C ILE A 328 2.77 36.05 -53.03
N LYS A 329 2.84 36.68 -51.88
CA LYS A 329 2.40 38.09 -51.78
C LYS A 329 3.14 38.67 -50.56
N GLY A 330 2.79 39.85 -50.09
CA GLY A 330 3.35 40.42 -48.90
C GLY A 330 2.70 39.88 -47.64
N ILE A 331 3.31 40.21 -46.49
CA ILE A 331 2.70 39.93 -45.19
C ILE A 331 3.02 41.07 -44.25
N ILE A 332 2.05 41.35 -43.37
CA ILE A 332 2.23 42.44 -42.37
C ILE A 332 2.43 41.80 -41.00
N LEU A 333 3.09 42.52 -40.10
CA LEU A 333 3.37 42.02 -38.75
C LEU A 333 2.09 41.72 -37.98
N ARG A 334 1.03 42.48 -38.22
CA ARG A 334 -0.25 42.25 -37.56
C ARG A 334 -0.80 40.87 -37.86
N LYS A 335 -0.76 40.47 -39.14
CA LYS A 335 -1.25 39.15 -39.53
C LYS A 335 -0.42 38.05 -38.89
N ILE A 336 0.90 38.24 -38.79
CA ILE A 336 1.76 37.26 -38.15
C ILE A 336 1.39 37.10 -36.68
N PHE A 337 1.17 38.22 -35.97
CA PHE A 337 0.81 38.13 -34.56
C PHE A 337 -0.53 37.42 -34.37
N THR A 338 -1.51 37.74 -35.21
CA THR A 338 -2.81 37.08 -35.09
C THR A 338 -2.70 35.57 -35.37
N THR A 339 -1.88 35.20 -36.36
CA THR A 339 -1.66 33.78 -36.65
C THR A 339 -1.04 33.08 -35.46
N ILE A 340 -0.06 33.71 -34.80
CA ILE A 340 0.55 33.11 -33.61
C ILE A 340 -0.50 32.91 -32.53
N SER A 341 -1.34 33.93 -32.34
CA SER A 341 -2.39 33.87 -31.29
C SER A 341 -3.28 32.64 -31.53
N PHE A 342 -3.79 32.49 -32.76
CA PHE A 342 -4.66 31.34 -33.04
C PHE A 342 -3.92 30.01 -32.92
N CYS A 343 -2.66 29.98 -33.38
CA CYS A 343 -1.92 28.72 -33.39
C CYS A 343 -1.58 28.25 -31.98
N ILE A 344 -1.48 29.16 -31.01
CA ILE A 344 -1.25 28.73 -29.63
C ILE A 344 -2.39 27.84 -29.15
N VAL A 345 -3.63 28.27 -29.38
CA VAL A 345 -4.79 27.48 -29.01
C VAL A 345 -4.84 26.19 -29.81
N LEU A 346 -4.53 26.26 -31.11
CA LEU A 346 -4.56 25.05 -31.92
C LEU A 346 -3.57 24.00 -31.40
N ARG A 347 -2.34 24.44 -31.08
CA ARG A 347 -1.33 23.52 -30.58
C ARG A 347 -1.71 22.94 -29.22
N MET A 348 -2.26 23.78 -28.32
CA MET A 348 -2.73 23.24 -27.05
C MET A 348 -3.80 22.17 -27.25
N ALA A 349 -4.72 22.39 -28.19
CA ALA A 349 -5.75 21.40 -28.45
C ALA A 349 -5.15 20.11 -28.99
N VAL A 350 -4.20 20.20 -29.92
CA VAL A 350 -3.75 19.01 -30.64
C VAL A 350 -2.74 18.21 -29.83
N THR A 351 -1.73 18.88 -29.27
CA THR A 351 -0.61 18.17 -28.66
C THR A 351 -0.74 17.98 -27.15
N ARG A 352 -1.74 18.55 -26.52
CA ARG A 352 -1.81 18.39 -25.07
C ARG A 352 -3.13 17.81 -24.57
N GLN A 353 -4.26 18.27 -25.10
CA GLN A 353 -5.56 17.89 -24.55
C GLN A 353 -6.08 16.57 -25.12
N PHE A 354 -5.92 16.34 -26.43
CA PHE A 354 -6.46 15.12 -27.03
C PHE A 354 -5.67 13.88 -26.62
N PRO A 355 -4.33 13.83 -26.75
CA PRO A 355 -3.62 12.60 -26.33
C PRO A 355 -3.78 12.27 -24.86
N TRP A 356 -3.84 13.29 -23.99
CA TRP A 356 -4.07 13.05 -22.57
C TRP A 356 -5.44 12.41 -22.35
N ALA A 357 -6.45 12.88 -23.08
CA ALA A 357 -7.78 12.27 -22.98
C ALA A 357 -7.78 10.83 -23.47
N VAL A 358 -7.07 10.55 -24.56
CA VAL A 358 -7.00 9.19 -25.08
C VAL A 358 -6.33 8.26 -24.06
N GLN A 359 -5.24 8.72 -23.45
CA GLN A 359 -4.57 7.91 -22.44
C GLN A 359 -5.45 7.71 -21.21
N THR A 360 -6.23 8.73 -20.84
CA THR A 360 -7.16 8.59 -19.73
C THR A 360 -8.20 7.51 -20.01
N TRP A 361 -8.76 7.51 -21.22
CA TRP A 361 -9.73 6.47 -21.57
C TRP A 361 -9.10 5.08 -21.52
N TYR A 362 -7.88 4.95 -22.06
CA TYR A 362 -7.17 3.66 -21.98
C TYR A 362 -7.04 3.20 -20.54
N ASP A 363 -6.52 4.07 -19.67
CA ASP A 363 -6.27 3.68 -18.28
C ASP A 363 -7.56 3.29 -17.56
N SER A 364 -8.61 4.09 -17.74
CA SER A 364 -9.85 3.84 -17.00
C SER A 364 -10.54 2.57 -17.49
N LEU A 365 -10.61 2.35 -18.80
CA LEU A 365 -11.23 1.13 -19.30
C LEU A 365 -10.43 -0.10 -18.88
N GLY A 366 -9.09 0.01 -18.87
CA GLY A 366 -8.30 -1.11 -18.39
C GLY A 366 -8.57 -1.44 -16.93
N ALA A 367 -8.64 -0.41 -16.08
CA ALA A 367 -8.93 -0.65 -14.67
C ALA A 367 -10.31 -1.28 -14.48
N ILE A 368 -11.31 -0.80 -15.21
CA ILE A 368 -12.66 -1.35 -15.08
C ILE A 368 -12.69 -2.80 -15.54
N ASN A 369 -11.97 -3.12 -16.62
CA ASN A 369 -11.92 -4.49 -17.11
C ASN A 369 -11.27 -5.41 -16.07
N LYS A 370 -10.17 -4.96 -15.46
CA LYS A 370 -9.52 -5.77 -14.43
C LYS A 370 -10.46 -6.00 -13.25
N ILE A 371 -11.21 -4.97 -12.85
CA ILE A 371 -12.14 -5.12 -11.73
C ILE A 371 -13.24 -6.12 -12.08
N GLN A 372 -13.76 -6.07 -13.32
CA GLN A 372 -14.79 -7.03 -13.70
C GLN A 372 -14.25 -8.46 -13.71
N ASP A 373 -13.04 -8.64 -14.22
CA ASP A 373 -12.43 -9.97 -14.21
C ASP A 373 -12.27 -10.49 -12.79
N PHE A 374 -11.90 -9.62 -11.85
CA PHE A 374 -11.87 -10.03 -10.45
C PHE A 374 -13.26 -10.40 -9.96
N LEU A 375 -14.27 -9.59 -10.28
CA LEU A 375 -15.62 -9.81 -9.78
C LEU A 375 -16.22 -11.10 -10.32
N GLN A 376 -15.70 -11.65 -11.41
CA GLN A 376 -16.25 -12.89 -11.97
C GLN A 376 -15.43 -14.12 -11.61
N LYS A 377 -14.85 -14.20 -10.42
CA LYS A 377 -14.04 -15.34 -10.02
C LYS A 377 -14.85 -16.35 -9.22
N GLN A 378 -14.30 -17.56 -9.10
CA GLN A 378 -15.00 -18.67 -8.46
C GLN A 378 -15.18 -18.44 -6.96
N GLU A 379 -16.31 -18.91 -6.44
CA GLU A 379 -16.77 -18.56 -5.11
C GLU A 379 -16.89 -19.77 -4.21
N TYR A 380 -16.83 -19.51 -2.91
CA TYR A 380 -17.03 -20.53 -1.89
C TYR A 380 -18.45 -21.08 -2.00
N LYS A 381 -18.57 -22.40 -2.11
CA LYS A 381 -19.87 -23.04 -2.28
C LYS A 381 -20.57 -23.14 -0.93
N THR A 382 -21.59 -22.33 -0.72
CA THR A 382 -22.37 -22.33 0.51
C THR A 382 -23.57 -23.26 0.44
N LEU A 383 -23.71 -24.01 -0.66
CA LEU A 383 -24.87 -24.87 -0.87
C LEU A 383 -24.83 -26.02 0.10
N GLU A 384 -25.61 -25.93 1.18
CA GLU A 384 -25.67 -26.97 2.20
C GLU A 384 -26.94 -26.80 2.99
N TYR A 385 -27.30 -27.85 3.73
CA TYR A 385 -28.47 -27.81 4.59
C TYR A 385 -28.17 -26.98 5.84
N ASN A 386 -29.07 -26.06 6.17
CA ASN A 386 -28.96 -25.25 7.38
C ASN A 386 -29.86 -25.78 8.49
N LEU A 387 -30.37 -27.00 8.35
CA LEU A 387 -31.24 -27.60 9.36
C LEU A 387 -31.26 -29.10 9.12
N THR A 388 -30.94 -29.88 10.15
CA THR A 388 -30.87 -31.33 10.03
C THR A 388 -31.33 -31.96 11.35
N THR A 389 -30.98 -33.23 11.54
CA THR A 389 -31.39 -34.00 12.72
C THR A 389 -30.32 -34.07 13.80
N THR A 390 -29.26 -33.28 13.69
CA THR A 390 -28.20 -33.19 14.69
C THR A 390 -27.43 -34.50 14.85
N GLU A 391 -27.46 -35.36 13.83
CA GLU A 391 -26.67 -36.61 13.80
C GLU A 391 -25.58 -36.38 12.76
N VAL A 392 -24.39 -35.94 13.16
CA VAL A 392 -23.33 -35.58 12.21
C VAL A 392 -22.77 -36.85 11.58
N VAL A 393 -22.81 -36.91 10.25
CA VAL A 393 -22.46 -38.15 9.53
C VAL A 393 -21.55 -37.83 8.35
N MET A 394 -20.51 -38.65 8.18
CA MET A 394 -19.60 -38.57 7.04
C MET A 394 -19.48 -39.94 6.39
N GLU A 395 -19.71 -40.01 5.08
CA GLU A 395 -19.76 -41.28 4.35
C GLU A 395 -18.84 -41.24 3.13
N ASN A 396 -17.93 -42.21 3.06
CA ASN A 396 -17.17 -42.55 1.85
C ASN A 396 -16.46 -41.34 1.25
N VAL A 397 -15.92 -40.49 2.11
CA VAL A 397 -15.34 -39.23 1.67
C VAL A 397 -13.93 -39.46 1.15
N THR A 398 -13.67 -39.00 -0.07
CA THR A 398 -12.34 -38.99 -0.67
C THR A 398 -12.08 -37.59 -1.21
N ALA A 399 -10.93 -37.01 -0.85
CA ALA A 399 -10.66 -35.61 -1.16
C ALA A 399 -9.26 -35.43 -1.74
N PHE A 400 -9.14 -34.43 -2.62
CA PHE A 400 -7.88 -34.06 -3.25
C PHE A 400 -7.63 -32.57 -3.03
N TRP A 401 -6.37 -32.22 -2.71
CA TRP A 401 -6.00 -30.82 -2.59
C TRP A 401 -5.80 -30.17 -3.96
N GLU A 402 -5.23 -30.90 -4.91
CA GLU A 402 -4.92 -30.36 -6.23
C GLU A 402 -6.15 -30.45 -7.13
N GLU A 403 -6.61 -29.29 -7.63
CA GLU A 403 -7.82 -29.26 -8.44
C GLU A 403 -7.63 -30.05 -9.74
N GLY A 404 -6.47 -29.89 -10.39
CA GLY A 404 -6.22 -30.66 -11.60
C GLY A 404 -6.17 -32.16 -11.34
N PHE A 405 -5.44 -32.55 -10.30
CA PHE A 405 -5.38 -33.97 -9.94
C PHE A 405 -6.75 -34.50 -9.54
N GLY A 406 -7.51 -33.71 -8.79
CA GLY A 406 -8.83 -34.16 -8.37
C GLY A 406 -9.78 -34.34 -9.54
N GLU A 407 -9.78 -33.39 -10.49
CA GLU A 407 -10.62 -33.53 -11.68
C GLU A 407 -10.16 -34.69 -12.54
N LEU A 408 -8.85 -34.92 -12.63
CA LEU A 408 -8.34 -36.05 -13.37
C LEU A 408 -8.80 -37.39 -12.78
N PHE A 409 -9.23 -37.40 -11.53
CA PHE A 409 -9.77 -38.61 -10.92
C PHE A 409 -11.19 -38.87 -11.42
N GLY A 437 -1.07 -37.68 -8.72
CA GLY A 437 -1.89 -37.00 -7.73
C GLY A 437 -2.48 -37.95 -6.71
N THR A 438 -2.00 -37.85 -5.45
CA THR A 438 -2.48 -38.77 -4.42
C THR A 438 -3.54 -38.09 -3.56
N PRO A 439 -4.50 -38.85 -3.04
CA PRO A 439 -5.55 -38.26 -2.21
C PRO A 439 -5.06 -38.00 -0.79
N VAL A 440 -5.48 -36.86 -0.23
CA VAL A 440 -5.18 -36.56 1.16
C VAL A 440 -6.13 -37.27 2.11
N LEU A 441 -7.32 -37.64 1.65
CA LEU A 441 -8.30 -38.39 2.43
C LEU A 441 -8.83 -39.53 1.57
N LYS A 442 -9.08 -40.69 2.19
CA LYS A 442 -9.48 -41.89 1.45
C LYS A 442 -10.52 -42.67 2.25
N ASP A 443 -11.78 -42.63 1.81
CA ASP A 443 -12.88 -43.43 2.36
C ASP A 443 -13.01 -43.28 3.88
N ILE A 444 -13.35 -42.07 4.29
CA ILE A 444 -13.52 -41.74 5.71
C ILE A 444 -15.00 -41.84 6.05
N ASN A 445 -15.31 -42.59 7.11
CA ASN A 445 -16.68 -42.78 7.58
C ASN A 445 -16.72 -42.55 9.08
N PHE A 446 -17.74 -41.81 9.54
CA PHE A 446 -18.04 -41.78 10.97
C PHE A 446 -19.42 -41.17 11.21
N LYS A 447 -19.98 -41.45 12.38
CA LYS A 447 -21.27 -40.93 12.79
C LYS A 447 -21.24 -40.60 14.27
N ILE A 448 -21.68 -39.40 14.62
CA ILE A 448 -21.70 -38.94 16.00
C ILE A 448 -23.05 -38.31 16.32
N GLU A 449 -23.55 -38.57 17.52
CA GLU A 449 -24.85 -38.11 18.00
C GLU A 449 -24.71 -36.75 18.69
N ARG A 450 -25.87 -36.13 18.94
CA ARG A 450 -25.89 -34.88 19.69
C ARG A 450 -25.32 -35.07 21.09
N GLY A 451 -24.39 -34.18 21.46
CA GLY A 451 -23.80 -34.17 22.79
C GLY A 451 -22.63 -35.10 22.99
N GLN A 452 -22.15 -35.79 21.96
CA GLN A 452 -21.04 -36.71 22.10
C GLN A 452 -19.71 -36.04 21.78
N LEU A 453 -18.63 -36.71 22.15
CA LEU A 453 -17.27 -36.23 21.89
C LEU A 453 -16.53 -37.23 21.02
N LEU A 454 -15.93 -36.73 19.94
CA LEU A 454 -15.08 -37.52 19.06
C LEU A 454 -13.67 -36.97 19.13
N ALA A 455 -12.70 -37.85 19.35
CA ALA A 455 -11.30 -37.48 19.39
C ALA A 455 -10.60 -38.02 18.15
N VAL A 456 -9.88 -37.15 17.45
CA VAL A 456 -9.17 -37.49 16.22
C VAL A 456 -7.67 -37.45 16.50
N ALA A 457 -6.98 -38.53 16.17
CA ALA A 457 -5.55 -38.67 16.46
C ALA A 457 -4.83 -39.18 15.22
N GLY A 458 -3.52 -38.97 15.21
CA GLY A 458 -2.69 -39.41 14.11
C GLY A 458 -1.35 -38.73 14.11
N SER A 459 -0.48 -39.19 13.22
CA SER A 459 0.87 -38.69 13.11
C SER A 459 0.91 -37.36 12.36
N THR A 460 2.07 -36.71 12.40
CA THR A 460 2.28 -35.46 11.67
C THR A 460 1.99 -35.67 10.19
N GLY A 461 1.17 -34.79 9.62
CA GLY A 461 0.82 -34.86 8.22
C GLY A 461 -0.18 -35.93 7.83
N ALA A 462 -0.90 -36.51 8.80
CA ALA A 462 -1.85 -37.56 8.49
C ALA A 462 -3.12 -37.04 7.84
N GLY A 463 -3.48 -35.78 8.09
CA GLY A 463 -4.66 -35.19 7.47
C GLY A 463 -5.73 -34.77 8.47
N LYS A 464 -5.30 -34.49 9.70
CA LYS A 464 -6.27 -34.12 10.78
C LYS A 464 -6.90 -32.76 10.46
N THR A 465 -6.08 -31.76 10.09
CA THR A 465 -6.61 -30.44 9.81
C THR A 465 -7.48 -30.46 8.56
N SER A 466 -7.02 -31.22 7.58
CA SER A 466 -7.79 -31.38 6.31
C SER A 466 -9.20 -31.93 6.53
N LEU A 467 -9.39 -32.84 7.50
CA LEU A 467 -10.70 -33.39 7.83
C LEU A 467 -11.62 -32.29 8.35
N LEU A 468 -11.12 -31.43 9.23
CA LEU A 468 -11.90 -30.29 9.69
C LEU A 468 -12.20 -29.34 8.54
N MET A 469 -11.25 -29.18 7.61
CA MET A 469 -11.51 -28.35 6.43
C MET A 469 -12.67 -28.90 5.61
N VAL A 470 -12.72 -30.22 5.43
CA VAL A 470 -13.82 -30.84 4.71
C VAL A 470 -15.13 -30.62 5.45
N ILE A 471 -15.12 -30.77 6.77
CA ILE A 471 -16.35 -30.59 7.54
C ILE A 471 -16.84 -29.16 7.46
N MET A 472 -15.92 -28.19 7.46
CA MET A 472 -16.30 -26.79 7.35
C MET A 472 -16.80 -26.41 5.97
N GLY A 473 -16.52 -27.23 4.96
CA GLY A 473 -16.90 -26.93 3.60
C GLY A 473 -15.86 -26.18 2.78
N GLU A 474 -14.69 -25.89 3.37
CA GLU A 474 -13.64 -25.21 2.62
C GLU A 474 -12.92 -26.14 1.64
N LEU A 475 -12.94 -27.44 1.88
CA LEU A 475 -12.36 -28.43 0.98
C LEU A 475 -13.47 -29.33 0.47
N GLU A 476 -13.68 -29.35 -0.85
CA GLU A 476 -14.79 -30.09 -1.44
C GLU A 476 -14.36 -31.51 -1.76
N PRO A 477 -15.13 -32.53 -1.38
CA PRO A 477 -14.75 -33.91 -1.68
C PRO A 477 -15.11 -34.30 -3.11
N SER A 478 -14.28 -35.15 -3.70
CA SER A 478 -14.62 -35.76 -4.99
C SER A 478 -15.68 -36.84 -4.83
N GLU A 479 -15.63 -37.57 -3.72
CA GLU A 479 -16.56 -38.67 -3.45
C GLU A 479 -17.05 -38.60 -2.01
N GLY A 480 -18.22 -39.19 -1.77
CA GLY A 480 -18.81 -39.22 -0.44
C GLY A 480 -19.54 -37.93 -0.09
N LYS A 481 -20.05 -37.87 1.13
CA LYS A 481 -20.81 -36.70 1.55
C LYS A 481 -20.85 -36.57 3.07
N ILE A 482 -21.16 -35.34 3.51
CA ILE A 482 -21.13 -34.95 4.92
C ILE A 482 -22.43 -34.22 5.24
N LYS A 483 -23.09 -34.63 6.33
CA LYS A 483 -24.36 -34.03 6.73
C LYS A 483 -24.30 -33.62 8.20
N HIS A 484 -24.79 -32.42 8.48
CA HIS A 484 -24.95 -31.87 9.83
C HIS A 484 -25.87 -30.64 9.72
N SER A 485 -26.05 -29.94 10.84
CA SER A 485 -27.00 -28.83 10.87
C SER A 485 -26.46 -27.60 10.17
N GLY A 486 -25.24 -27.19 10.51
CA GLY A 486 -24.63 -26.07 9.82
C GLY A 486 -24.24 -24.89 10.70
N ARG A 487 -24.55 -24.95 11.98
CA ARG A 487 -24.14 -23.93 12.94
C ARG A 487 -22.90 -24.43 13.67
N ILE A 488 -21.75 -23.84 13.37
CA ILE A 488 -20.47 -24.37 13.82
C ILE A 488 -19.66 -23.29 14.53
N SER A 489 -18.68 -23.76 15.31
CA SER A 489 -17.66 -22.92 15.92
C SER A 489 -16.31 -23.57 15.71
N PHE A 490 -15.27 -22.76 15.52
CA PHE A 490 -13.99 -23.24 15.01
C PHE A 490 -12.83 -22.63 15.78
N CYS A 491 -11.90 -23.48 16.22
CA CYS A 491 -10.66 -23.05 16.85
C CYS A 491 -9.50 -23.61 16.02
N SER A 492 -8.77 -22.68 15.38
CA SER A 492 -7.68 -22.99 14.41
C SER A 492 -6.35 -23.32 15.07
N GLN A 493 -5.54 -24.16 14.41
CA GLN A 493 -4.23 -24.50 14.93
C GLN A 493 -3.34 -23.26 15.01
N PHE A 494 -3.39 -22.40 14.01
CA PHE A 494 -2.71 -21.10 14.02
C PHE A 494 -3.73 -20.04 14.41
N SER A 495 -3.53 -19.49 15.61
CA SER A 495 -4.50 -18.50 16.16
C SER A 495 -4.51 -17.21 15.35
N TRP A 496 -5.68 -16.58 15.27
CA TRP A 496 -5.85 -15.32 14.56
C TRP A 496 -6.35 -14.26 15.54
N ILE A 497 -5.68 -13.11 15.57
CA ILE A 497 -6.03 -12.01 16.46
C ILE A 497 -6.29 -10.78 15.61
N MET A 498 -7.41 -10.14 15.82
CA MET A 498 -7.78 -8.96 15.05
C MET A 498 -7.56 -7.70 15.87
N PRO A 499 -7.33 -6.55 15.21
CA PRO A 499 -7.12 -5.31 15.96
C PRO A 499 -8.32 -4.96 16.83
N GLY A 500 -8.04 -4.50 18.03
CA GLY A 500 -9.03 -4.20 19.03
C GLY A 500 -8.57 -4.71 20.38
N THR A 501 -9.46 -4.63 21.37
CA THR A 501 -9.15 -5.11 22.71
C THR A 501 -9.38 -6.61 22.81
N ILE A 502 -9.10 -7.16 23.99
CA ILE A 502 -9.35 -8.59 24.23
C ILE A 502 -10.84 -8.88 24.22
N LYS A 503 -11.65 -8.01 24.85
CA LYS A 503 -13.09 -8.20 24.87
C LYS A 503 -13.67 -8.17 23.46
N GLU A 504 -13.18 -7.26 22.62
CA GLU A 504 -13.62 -7.24 21.22
C GLU A 504 -13.23 -8.52 20.50
N ASN A 505 -12.03 -9.03 20.76
CA ASN A 505 -11.60 -10.26 20.12
C ASN A 505 -12.42 -11.45 20.57
N ILE A 506 -12.97 -11.43 21.78
CA ILE A 506 -13.70 -12.57 22.31
C ILE A 506 -15.19 -12.51 21.95
N ILE A 507 -15.84 -11.36 22.10
CA ILE A 507 -17.27 -11.30 21.79
C ILE A 507 -17.51 -11.28 20.29
N PHE A 508 -16.53 -10.81 19.52
CA PHE A 508 -16.48 -10.97 18.06
C PHE A 508 -17.78 -10.48 17.37
N GLY A 509 -18.11 -9.23 17.66
CA GLY A 509 -19.16 -8.55 16.91
C GLY A 509 -20.59 -8.88 17.28
N VAL A 510 -20.84 -9.49 18.44
CA VAL A 510 -22.21 -9.69 18.91
C VAL A 510 -22.38 -8.98 20.26
N SER A 511 -23.60 -9.02 20.79
CA SER A 511 -23.90 -8.35 22.03
C SER A 511 -23.12 -8.93 23.20
N TYR A 512 -22.84 -8.10 24.18
CA TYR A 512 -22.04 -8.48 25.35
C TYR A 512 -22.94 -8.98 26.46
N ASP A 513 -22.67 -10.20 26.94
CA ASP A 513 -23.41 -10.83 28.02
C ASP A 513 -22.47 -11.09 29.19
N GLU A 514 -22.85 -10.57 30.36
CA GLU A 514 -21.93 -10.56 31.51
C GLU A 514 -21.67 -11.96 32.04
N TYR A 515 -22.73 -12.75 32.26
CA TYR A 515 -22.57 -14.06 32.87
C TYR A 515 -21.77 -15.00 31.97
N ARG A 516 -22.08 -15.00 30.67
CA ARG A 516 -21.34 -15.84 29.74
C ARG A 516 -19.87 -15.41 29.65
N TYR A 517 -19.63 -14.10 29.59
CA TYR A 517 -18.26 -13.61 29.49
C TYR A 517 -17.44 -14.00 30.72
N ARG A 518 -18.02 -13.84 31.91
CA ARG A 518 -17.28 -14.21 33.12
C ARG A 518 -17.03 -15.71 33.17
N SER A 519 -18.03 -16.54 32.83
CA SER A 519 -17.83 -17.97 32.85
C SER A 519 -16.73 -18.40 31.88
N VAL A 520 -16.73 -17.81 30.67
CA VAL A 520 -15.73 -18.19 29.68
C VAL A 520 -14.34 -17.71 30.10
N ILE A 521 -14.25 -16.49 30.64
CA ILE A 521 -12.96 -15.97 31.07
C ILE A 521 -12.38 -16.83 32.18
N LYS A 522 -13.21 -17.23 33.15
CA LYS A 522 -12.72 -18.08 34.23
C LYS A 522 -12.34 -19.47 33.73
N ALA A 523 -13.15 -20.05 32.85
CA ALA A 523 -12.94 -21.44 32.46
C ALA A 523 -11.65 -21.63 31.67
N CYS A 524 -11.29 -20.66 30.82
CA CYS A 524 -10.10 -20.78 30.00
C CYS A 524 -8.82 -20.33 30.72
N GLN A 525 -8.87 -20.20 32.04
CA GLN A 525 -7.69 -19.86 32.85
C GLN A 525 -7.06 -18.53 32.41
N LEU A 526 -7.91 -17.57 32.06
CA LEU A 526 -7.42 -16.27 31.61
C LEU A 526 -7.38 -15.21 32.72
N GLU A 527 -8.04 -15.46 33.85
CA GLU A 527 -8.10 -14.46 34.91
C GLU A 527 -6.71 -14.14 35.45
N GLU A 528 -5.85 -15.15 35.59
CA GLU A 528 -4.50 -14.93 36.08
C GLU A 528 -3.71 -14.00 35.17
N ASP A 529 -3.78 -14.22 33.85
CA ASP A 529 -3.09 -13.36 32.91
C ASP A 529 -3.78 -12.02 32.74
N ILE A 530 -5.11 -12.00 32.89
CA ILE A 530 -5.89 -10.73 32.71
C ILE A 530 -5.59 -9.78 33.88
N SER A 531 -5.41 -10.32 35.09
CA SER A 531 -5.21 -9.47 36.26
C SER A 531 -3.83 -8.82 36.31
N LYS A 532 -2.94 -9.11 35.36
CA LYS A 532 -1.58 -8.59 35.39
C LYS A 532 -1.33 -7.49 34.36
N PHE A 533 -2.41 -6.98 33.76
CA PHE A 533 -2.29 -5.93 32.72
C PHE A 533 -2.79 -4.59 33.27
N ALA A 534 -2.20 -3.48 32.80
CA ALA A 534 -2.61 -2.14 33.29
C ALA A 534 -4.08 -1.88 32.96
N GLU A 535 -4.49 -2.22 31.73
CA GLU A 535 -5.90 -1.98 31.30
C GLU A 535 -6.75 -3.19 31.68
N LYS A 536 -6.15 -4.20 32.32
CA LYS A 536 -6.89 -5.42 32.76
C LYS A 536 -7.40 -6.18 31.54
N ASP A 537 -8.39 -5.64 30.82
CA ASP A 537 -8.95 -6.34 29.64
C ASP A 537 -9.05 -5.39 28.44
N ASN A 538 -8.90 -4.08 28.67
CA ASN A 538 -9.07 -3.14 27.57
C ASN A 538 -7.75 -2.84 26.89
N ILE A 539 -6.74 -3.70 27.10
CA ILE A 539 -5.49 -3.59 26.38
C ILE A 539 -5.77 -3.67 24.89
N VAL A 540 -5.23 -2.72 24.14
CA VAL A 540 -5.43 -2.68 22.69
C VAL A 540 -4.46 -3.66 22.05
N LEU A 541 -4.99 -4.78 21.56
CA LEU A 541 -4.17 -5.74 20.83
C LEU A 541 -3.99 -5.27 19.39
N GLY A 542 -2.76 -5.35 18.89
CA GLY A 542 -2.49 -5.03 17.51
C GLY A 542 -2.87 -6.19 16.59
N GLU A 543 -2.64 -5.96 15.30
CA GLU A 543 -2.91 -6.98 14.30
C GLU A 543 -1.91 -8.13 14.46
N GLY A 544 -2.39 -9.30 14.85
CA GLY A 544 -1.56 -10.46 15.08
C GLY A 544 -1.23 -10.75 16.53
N GLY A 545 -1.49 -9.81 17.43
CA GLY A 545 -1.27 -10.05 18.85
C GLY A 545 0.17 -10.30 19.22
N ILE A 546 1.10 -9.53 18.63
CA ILE A 546 2.52 -9.70 18.92
C ILE A 546 2.89 -9.31 20.34
N THR A 547 1.97 -8.65 21.06
CA THR A 547 2.23 -8.26 22.44
C THR A 547 2.09 -9.44 23.40
N LEU A 548 1.31 -10.45 23.03
CA LEU A 548 1.07 -11.58 23.91
C LEU A 548 1.99 -12.76 23.60
N SER A 549 2.01 -13.73 24.51
CA SER A 549 2.76 -14.95 24.30
C SER A 549 1.91 -15.94 23.49
N GLY A 550 2.53 -17.07 23.12
CA GLY A 550 1.83 -18.05 22.29
C GLY A 550 0.63 -18.66 22.99
N GLY A 551 0.82 -19.07 24.24
CA GLY A 551 -0.28 -19.68 24.98
C GLY A 551 -1.42 -18.71 25.24
N GLN A 552 -1.09 -17.43 25.49
CA GLN A 552 -2.13 -16.44 25.70
C GLN A 552 -2.99 -16.26 24.45
N ARG A 553 -2.35 -16.20 23.27
CA ARG A 553 -3.10 -16.09 22.03
C ARG A 553 -3.96 -17.33 21.78
N ALA A 554 -3.41 -18.51 22.05
CA ALA A 554 -4.19 -19.73 21.88
C ALA A 554 -5.42 -19.74 22.78
N ARG A 555 -5.26 -19.32 24.04
CA ARG A 555 -6.39 -19.33 24.97
C ARG A 555 -7.42 -18.27 24.60
N ILE A 556 -6.99 -17.12 24.07
CA ILE A 556 -7.95 -16.12 23.62
C ILE A 556 -8.77 -16.67 22.46
N SER A 557 -8.11 -17.37 21.52
CA SER A 557 -8.84 -17.99 20.43
C SER A 557 -9.83 -19.05 20.91
N LEU A 558 -9.42 -19.86 21.89
CA LEU A 558 -10.35 -20.86 22.44
C LEU A 558 -11.54 -20.18 23.11
N ALA A 559 -11.30 -19.10 23.85
CA ALA A 559 -12.39 -18.37 24.50
C ALA A 559 -13.35 -17.81 23.46
N ARG A 560 -12.82 -17.27 22.36
CA ARG A 560 -13.69 -16.79 21.28
C ARG A 560 -14.54 -17.92 20.71
N ALA A 561 -13.93 -19.10 20.50
CA ALA A 561 -14.69 -20.22 19.96
C ALA A 561 -15.78 -20.68 20.94
N VAL A 562 -15.51 -20.63 22.23
CA VAL A 562 -16.47 -21.14 23.20
C VAL A 562 -17.58 -20.13 23.49
N TYR A 563 -17.31 -18.83 23.33
CA TYR A 563 -18.33 -17.81 23.58
C TYR A 563 -19.50 -17.96 22.61
N LYS A 564 -19.23 -18.31 21.35
CA LYS A 564 -20.30 -18.48 20.38
C LYS A 564 -21.17 -19.69 20.72
N ASP A 565 -22.45 -19.57 20.43
CA ASP A 565 -23.40 -20.67 20.58
C ASP A 565 -23.58 -21.35 19.22
N ALA A 566 -23.40 -22.66 19.20
CA ALA A 566 -23.49 -23.44 17.97
C ALA A 566 -23.80 -24.88 18.34
N ASP A 567 -24.07 -25.69 17.32
CA ASP A 567 -24.35 -27.11 17.51
C ASP A 567 -23.13 -27.99 17.42
N LEU A 568 -22.03 -27.49 16.84
CA LEU A 568 -20.85 -28.30 16.60
C LEU A 568 -19.60 -27.47 16.82
N TYR A 569 -18.71 -27.95 17.67
CA TYR A 569 -17.48 -27.24 18.00
C TYR A 569 -16.29 -28.06 17.51
N LEU A 570 -15.51 -27.48 16.60
CA LEU A 570 -14.28 -28.11 16.09
C LEU A 570 -13.08 -27.40 16.71
N LEU A 571 -12.22 -28.18 17.37
CA LEU A 571 -11.05 -27.65 18.07
C LEU A 571 -9.81 -28.36 17.56
N ASP A 572 -9.00 -27.66 16.75
CA ASP A 572 -7.81 -28.25 16.15
C ASP A 572 -6.62 -28.00 17.07
N SER A 573 -6.29 -28.99 17.90
CA SER A 573 -5.11 -29.03 18.75
C SER A 573 -4.90 -27.73 19.52
N PRO A 574 -5.78 -27.38 20.46
CA PRO A 574 -5.66 -26.11 21.16
C PRO A 574 -4.69 -26.10 22.32
N PHE A 575 -4.06 -27.23 22.66
CA PHE A 575 -3.21 -27.33 23.84
C PHE A 575 -1.72 -27.40 23.48
N GLY A 576 -1.33 -26.92 22.30
CA GLY A 576 0.05 -27.07 21.87
C GLY A 576 1.05 -26.27 22.68
N TYR A 577 0.68 -25.04 23.06
CA TYR A 577 1.59 -24.11 23.71
C TYR A 577 1.30 -23.95 25.20
N LEU A 578 0.75 -24.99 25.83
CA LEU A 578 0.37 -24.93 27.23
C LEU A 578 1.13 -25.96 28.04
N ASP A 579 1.39 -25.63 29.31
CA ASP A 579 1.94 -26.59 30.25
C ASP A 579 0.86 -27.60 30.65
N VAL A 580 1.31 -28.71 31.25
CA VAL A 580 0.41 -29.82 31.54
C VAL A 580 -0.65 -29.42 32.54
N LEU A 581 -0.29 -28.58 33.51
CA LEU A 581 -1.25 -28.17 34.54
C LEU A 581 -2.38 -27.33 33.95
N THR A 582 -2.03 -26.30 33.19
CA THR A 582 -3.05 -25.45 32.57
C THR A 582 -3.89 -26.24 31.58
N GLU A 583 -3.26 -27.11 30.81
CA GLU A 583 -3.99 -27.95 29.86
C GLU A 583 -5.00 -28.84 30.59
N LYS A 584 -4.58 -29.45 31.70
CA LYS A 584 -5.48 -30.29 32.47
C LYS A 584 -6.65 -29.49 33.03
N GLU A 585 -6.38 -28.31 33.58
CA GLU A 585 -7.45 -27.48 34.12
C GLU A 585 -8.45 -27.11 33.03
N ILE A 586 -7.96 -26.67 31.87
CA ILE A 586 -8.85 -26.25 30.79
C ILE A 586 -9.67 -27.43 30.28
N PHE A 587 -9.02 -28.59 30.09
CA PHE A 587 -9.73 -29.75 29.58
C PHE A 587 -10.82 -30.20 30.54
N GLU A 588 -10.52 -30.22 31.85
CA GLU A 588 -11.49 -30.72 32.79
C GLU A 588 -12.60 -29.72 33.11
N SER A 589 -12.34 -28.42 33.00
CA SER A 589 -13.35 -27.44 33.38
C SER A 589 -14.11 -26.84 32.20
N CYS A 590 -13.61 -26.95 30.98
CA CYS A 590 -14.22 -26.29 29.83
C CYS A 590 -14.83 -27.29 28.85
N VAL A 591 -14.03 -28.23 28.33
CA VAL A 591 -14.54 -29.15 27.32
C VAL A 591 -15.52 -30.14 27.94
N CYS A 592 -15.22 -30.64 29.14
CA CYS A 592 -16.01 -31.71 29.74
C CYS A 592 -17.09 -31.21 30.69
N LYS A 593 -17.02 -29.95 31.13
CA LYS A 593 -18.00 -29.43 32.07
C LYS A 593 -18.85 -28.31 31.48
N LEU A 594 -18.23 -27.27 30.92
CA LEU A 594 -18.98 -26.12 30.43
C LEU A 594 -19.77 -26.46 29.16
N MET A 595 -19.27 -27.39 28.35
CA MET A 595 -20.01 -27.79 27.15
C MET A 595 -20.25 -29.30 27.15
N ALA A 596 -20.72 -29.84 28.28
CA ALA A 596 -20.97 -31.26 28.38
C ALA A 596 -22.13 -31.73 27.51
N ASN A 597 -23.01 -30.81 27.08
CA ASN A 597 -24.21 -31.18 26.33
C ASN A 597 -24.16 -30.74 24.87
N LYS A 598 -22.97 -30.51 24.33
CA LYS A 598 -22.82 -30.10 22.93
C LYS A 598 -21.97 -31.12 22.19
N THR A 599 -22.02 -31.04 20.85
CA THR A 599 -21.22 -31.92 20.00
C THR A 599 -19.85 -31.31 19.76
N ARG A 600 -18.81 -32.08 20.07
CA ARG A 600 -17.44 -31.60 20.02
C ARG A 600 -16.58 -32.57 19.22
N ILE A 601 -15.69 -32.02 18.40
CA ILE A 601 -14.65 -32.77 17.71
C ILE A 601 -13.32 -32.13 18.07
N LEU A 602 -12.48 -32.87 18.79
CA LEU A 602 -11.22 -32.37 19.32
C LEU A 602 -10.07 -33.14 18.70
N VAL A 603 -9.15 -32.44 18.06
CA VAL A 603 -7.92 -33.05 17.55
C VAL A 603 -6.89 -33.04 18.66
N THR A 604 -6.42 -34.22 19.06
CA THR A 604 -5.53 -34.33 20.19
C THR A 604 -4.64 -35.56 20.04
N SER A 605 -3.53 -35.56 20.78
CA SER A 605 -2.60 -36.67 20.79
C SER A 605 -2.35 -37.25 22.18
N LYS A 606 -2.91 -36.67 23.23
CA LYS A 606 -2.69 -37.17 24.59
C LYS A 606 -3.57 -38.37 24.84
N MET A 607 -2.97 -39.45 25.35
CA MET A 607 -3.72 -40.68 25.58
C MET A 607 -4.75 -40.52 26.70
N GLU A 608 -4.50 -39.59 27.63
CA GLU A 608 -5.47 -39.35 28.71
C GLU A 608 -6.78 -38.81 28.16
N HIS A 609 -6.71 -37.93 27.16
CA HIS A 609 -7.93 -37.38 26.58
C HIS A 609 -8.72 -38.42 25.79
N LEU A 610 -8.05 -39.41 25.22
CA LEU A 610 -8.75 -40.43 24.46
C LEU A 610 -9.60 -41.34 25.33
N LYS A 611 -9.31 -41.41 26.63
CA LYS A 611 -10.04 -42.32 27.50
C LYS A 611 -11.51 -41.94 27.61
N LYS A 612 -11.80 -40.64 27.74
CA LYS A 612 -13.17 -40.18 27.97
C LYS A 612 -13.84 -39.65 26.70
N ALA A 613 -13.23 -39.83 25.54
CA ALA A 613 -13.92 -39.55 24.29
C ALA A 613 -14.98 -40.60 24.03
N ASP A 614 -16.15 -40.15 23.56
CA ASP A 614 -17.21 -41.10 23.21
C ASP A 614 -16.82 -41.94 22.02
N LYS A 615 -16.19 -41.34 21.01
CA LYS A 615 -15.70 -42.08 19.85
C LYS A 615 -14.29 -41.62 19.53
N ILE A 616 -13.53 -42.50 18.89
CA ILE A 616 -12.12 -42.28 18.58
C ILE A 616 -11.87 -42.61 17.12
N LEU A 617 -11.20 -41.71 16.41
CA LEU A 617 -10.81 -41.93 15.02
C LEU A 617 -9.32 -41.70 14.89
N ILE A 618 -8.62 -42.68 14.31
CA ILE A 618 -7.16 -42.62 14.15
C ILE A 618 -6.86 -42.61 12.65
N LEU A 619 -6.12 -41.60 12.22
CA LEU A 619 -5.74 -41.44 10.82
C LEU A 619 -4.29 -41.87 10.61
N HIS A 620 -4.04 -42.44 9.43
CA HIS A 620 -2.69 -42.82 9.06
C HIS A 620 -2.55 -42.62 7.55
N GLU A 621 -1.74 -41.63 7.17
CA GLU A 621 -1.45 -41.35 5.76
C GLU A 621 -2.71 -41.21 4.92
N GLY A 622 -3.71 -40.54 5.48
CA GLY A 622 -4.96 -40.30 4.79
C GLY A 622 -6.00 -41.38 4.94
N SER A 623 -5.69 -42.50 5.57
CA SER A 623 -6.62 -43.61 5.72
C SER A 623 -7.07 -43.72 7.18
N SER A 624 -8.13 -44.51 7.38
CA SER A 624 -8.70 -44.72 8.71
C SER A 624 -8.08 -45.99 9.30
N TYR A 625 -7.07 -45.82 10.15
CA TYR A 625 -6.42 -46.97 10.76
C TYR A 625 -7.31 -47.64 11.80
N PHE A 626 -8.17 -46.86 12.47
CA PHE A 626 -9.06 -47.41 13.48
C PHE A 626 -10.19 -46.43 13.74
N TYR A 627 -11.42 -46.95 13.83
CA TYR A 627 -12.58 -46.15 14.22
C TYR A 627 -13.43 -46.98 15.17
N GLY A 628 -13.70 -46.43 16.35
CA GLY A 628 -14.47 -47.13 17.35
C GLY A 628 -14.38 -46.52 18.73
N THR A 629 -14.33 -47.35 19.76
CA THR A 629 -14.28 -46.91 21.14
C THR A 629 -12.94 -47.28 21.77
N PHE A 630 -12.66 -46.69 22.94
CA PHE A 630 -11.44 -47.02 23.65
C PHE A 630 -11.45 -48.47 24.13
N SER A 631 -12.61 -48.96 24.56
CA SER A 631 -12.71 -50.32 25.07
C SER A 631 -12.43 -51.35 23.98
N GLU A 632 -12.63 -50.98 22.72
CA GLU A 632 -12.23 -51.83 21.60
C GLU A 632 -10.78 -51.62 21.21
N LEU A 633 -10.28 -50.38 21.30
CA LEU A 633 -8.91 -50.08 20.89
C LEU A 633 -7.89 -50.80 21.76
N GLN A 634 -8.18 -50.96 23.05
CA GLN A 634 -7.30 -51.71 23.92
C GLN A 634 -7.25 -53.17 23.50
N ASN A 635 -8.38 -53.73 23.05
CA ASN A 635 -8.42 -55.11 22.60
C ASN A 635 -7.61 -55.35 21.34
N LEU A 636 -7.38 -54.31 20.54
CA LEU A 636 -6.63 -54.44 19.29
C LEU A 636 -5.17 -54.81 19.57
N TRP A 846 11.59 24.22 2.16
CA TRP A 846 11.73 24.18 3.60
C TRP A 846 12.60 23.00 4.05
N ASN A 847 13.82 22.96 3.54
CA ASN A 847 14.82 21.95 3.88
C ASN A 847 14.46 20.56 3.36
N THR A 848 13.26 20.41 2.81
CA THR A 848 12.92 19.15 2.15
C THR A 848 13.39 19.16 0.69
N TYR A 849 13.27 20.31 0.02
CA TYR A 849 13.81 20.44 -1.33
C TYR A 849 15.33 20.32 -1.34
N LEU A 850 15.99 20.92 -0.35
CA LEU A 850 17.46 20.91 -0.33
C LEU A 850 18.00 19.49 -0.17
N ARG A 851 17.42 18.73 0.76
CA ARG A 851 17.84 17.34 0.96
C ARG A 851 17.61 16.52 -0.31
N TYR A 852 16.45 16.69 -0.94
CA TYR A 852 16.13 15.95 -2.15
C TYR A 852 17.11 16.29 -3.26
N ILE A 853 17.47 17.56 -3.39
CA ILE A 853 18.40 17.97 -4.45
C ILE A 853 19.80 17.41 -4.18
N THR A 854 20.25 17.45 -2.92
CA THR A 854 21.61 17.06 -2.60
C THR A 854 21.76 15.58 -2.26
N VAL A 855 20.70 14.78 -2.42
CA VAL A 855 20.84 13.33 -2.23
C VAL A 855 21.89 12.75 -3.17
N HIS A 856 21.84 13.14 -4.44
CA HIS A 856 22.73 12.60 -5.48
C HIS A 856 23.51 13.73 -6.14
N LYS A 857 24.80 13.48 -6.39
CA LYS A 857 25.69 14.54 -6.85
C LYS A 857 25.47 14.90 -8.32
N SER A 858 25.00 13.97 -9.14
CA SER A 858 24.90 14.22 -10.57
C SER A 858 23.76 15.18 -10.92
N LEU A 859 22.74 15.24 -10.09
CA LEU A 859 21.61 16.15 -10.34
C LEU A 859 22.08 17.61 -10.33
N ILE A 860 22.99 17.94 -9.42
CA ILE A 860 23.51 19.31 -9.35
C ILE A 860 24.23 19.68 -10.64
N PHE A 861 25.07 18.77 -11.15
CA PHE A 861 25.79 19.04 -12.39
C PHE A 861 24.83 19.19 -13.56
N VAL A 862 23.80 18.34 -13.61
CA VAL A 862 22.80 18.44 -14.68
C VAL A 862 22.10 19.79 -14.63
N LEU A 863 21.70 20.23 -13.43
CA LEU A 863 20.98 21.49 -13.30
C LEU A 863 21.85 22.68 -13.67
N ILE A 864 23.14 22.65 -13.29
CA ILE A 864 24.04 23.73 -13.65
C ILE A 864 24.23 23.79 -15.17
N TRP A 865 24.36 22.62 -15.80
CA TRP A 865 24.49 22.57 -17.25
C TRP A 865 23.26 23.14 -17.94
N CYS A 866 22.06 22.79 -17.45
CA CYS A 866 20.83 23.37 -17.99
C CYS A 866 20.82 24.89 -17.86
N LEU A 867 21.22 25.40 -16.69
CA LEU A 867 21.24 26.84 -16.47
C LEU A 867 22.20 27.55 -17.42
N VAL A 868 23.38 26.95 -17.64
CA VAL A 868 24.36 27.57 -18.53
C VAL A 868 23.83 27.65 -19.95
N ILE A 869 23.21 26.57 -20.43
CA ILE A 869 22.64 26.60 -21.78
C ILE A 869 21.55 27.67 -21.87
N PHE A 870 20.72 27.76 -20.83
CA PHE A 870 19.65 28.76 -20.81
C PHE A 870 20.21 30.18 -20.88
N LEU A 871 21.28 30.45 -20.13
CA LEU A 871 21.89 31.77 -20.17
C LEU A 871 22.42 32.09 -21.55
N ALA A 872 23.07 31.12 -22.21
CA ALA A 872 23.57 31.36 -23.56
C ALA A 872 22.43 31.68 -24.52
N GLU A 873 21.32 30.96 -24.42
CA GLU A 873 20.18 31.23 -25.30
C GLU A 873 19.59 32.60 -25.05
N VAL A 874 19.47 33.00 -23.77
CA VAL A 874 18.94 34.32 -23.45
C VAL A 874 19.83 35.41 -24.03
N ALA A 875 21.15 35.26 -23.89
CA ALA A 875 22.08 36.26 -24.41
C ALA A 875 21.99 36.36 -25.93
N ALA A 876 21.92 35.23 -26.61
CA ALA A 876 21.79 35.25 -28.07
C ALA A 876 20.49 35.92 -28.49
N SER A 877 19.39 35.64 -27.78
CA SER A 877 18.11 36.25 -28.11
C SER A 877 18.16 37.77 -27.93
N LEU A 878 18.78 38.23 -26.83
CA LEU A 878 18.89 39.66 -26.60
C LEU A 878 19.72 40.34 -27.68
N VAL A 879 20.83 39.70 -28.07
CA VAL A 879 21.69 40.28 -29.10
C VAL A 879 20.95 40.37 -30.43
N VAL A 880 20.20 39.34 -30.78
CA VAL A 880 19.47 39.37 -32.04
C VAL A 880 18.37 40.43 -32.00
N LEU A 881 17.69 40.55 -30.86
CA LEU A 881 16.57 41.52 -30.69
C LEU A 881 17.12 42.94 -30.83
N TRP A 882 18.26 43.26 -30.19
CA TRP A 882 18.78 44.61 -30.24
C TRP A 882 19.22 44.99 -31.66
N LEU A 883 19.46 44.01 -32.52
CA LEU A 883 19.96 44.30 -33.86
C LEU A 883 18.87 44.85 -34.76
N LEU A 884 17.65 44.33 -34.64
CA LEU A 884 16.53 44.84 -35.44
C LEU A 884 16.25 46.30 -35.10
N GLY A 885 16.34 46.67 -33.83
CA GLY A 885 16.21 48.05 -33.43
C GLY A 885 17.40 48.92 -33.75
N ASN A 886 18.48 48.33 -34.23
CA ASN A 886 19.68 49.06 -34.62
C ASN A 886 19.97 48.99 -36.11
N THR A 887 19.12 48.34 -36.88
CA THR A 887 19.31 48.16 -38.32
C THR A 887 18.00 48.45 -39.04
N PRO A 888 18.08 48.83 -40.32
CA PRO A 888 16.89 49.16 -41.12
C PRO A 888 16.79 48.32 -42.39
N SER A 902 8.69 46.13 -49.94
CA SER A 902 10.06 45.92 -50.41
C SER A 902 10.46 44.45 -50.25
N TYR A 903 10.44 43.96 -49.01
CA TYR A 903 10.81 42.60 -48.70
C TYR A 903 9.55 41.76 -48.46
N ALA A 904 9.75 40.51 -48.02
CA ALA A 904 8.63 39.63 -47.75
C ALA A 904 7.81 40.09 -46.55
N VAL A 905 8.39 40.93 -45.70
CA VAL A 905 7.71 41.43 -44.50
C VAL A 905 7.69 42.95 -44.56
N ILE A 906 6.54 43.53 -44.26
CA ILE A 906 6.34 44.97 -44.33
C ILE A 906 6.30 45.54 -42.91
N ILE A 907 7.26 46.40 -42.60
CA ILE A 907 7.33 47.08 -41.30
C ILE A 907 7.31 48.58 -41.57
N THR A 908 6.40 49.27 -40.91
CA THR A 908 6.35 50.73 -40.96
C THR A 908 6.86 51.28 -39.63
N SER A 909 6.92 52.61 -39.53
CA SER A 909 7.45 53.24 -38.33
C SER A 909 6.51 53.07 -37.13
N THR A 910 5.20 53.16 -37.36
CA THR A 910 4.24 53.09 -36.26
C THR A 910 3.82 51.67 -35.92
N SER A 911 4.26 50.67 -36.67
CA SER A 911 3.87 49.28 -36.42
C SER A 911 5.01 48.42 -35.90
N SER A 912 6.15 49.00 -35.56
CA SER A 912 7.29 48.20 -35.12
C SER A 912 7.09 47.60 -33.72
N TYR A 913 6.16 48.15 -32.93
CA TYR A 913 5.94 47.64 -31.58
C TYR A 913 5.51 46.18 -31.60
N TYR A 914 5.06 45.67 -32.74
CA TYR A 914 4.66 44.27 -32.83
C TYR A 914 5.84 43.33 -32.62
N VAL A 915 7.06 43.78 -32.90
CA VAL A 915 8.21 42.88 -32.84
C VAL A 915 8.31 42.22 -31.47
N PHE A 916 8.27 43.02 -30.41
CA PHE A 916 8.31 42.47 -29.06
C PHE A 916 7.11 41.58 -28.80
N TYR A 917 5.92 41.99 -29.26
CA TYR A 917 4.74 41.15 -29.10
C TYR A 917 4.94 39.79 -29.75
N ILE A 918 5.66 39.75 -30.87
CA ILE A 918 5.91 38.47 -31.52
C ILE A 918 6.86 37.62 -30.68
N TYR A 919 7.88 38.26 -30.10
CA TYR A 919 8.90 37.50 -29.37
C TYR A 919 8.27 36.71 -28.22
N VAL A 920 7.45 37.37 -27.41
CA VAL A 920 6.80 36.70 -26.29
C VAL A 920 5.94 35.55 -26.78
N GLY A 921 5.38 35.66 -27.99
CA GLY A 921 4.57 34.59 -28.52
C GLY A 921 5.35 33.39 -29.02
N VAL A 922 6.66 33.48 -29.15
CA VAL A 922 7.47 32.37 -29.65
C VAL A 922 8.56 31.94 -28.67
N ALA A 923 8.77 32.65 -27.56
CA ALA A 923 9.82 32.29 -26.62
C ALA A 923 9.65 30.87 -26.11
N ASP A 924 8.40 30.41 -26.01
CA ASP A 924 8.14 29.01 -25.57
C ASP A 924 8.98 28.05 -26.44
N THR A 925 9.00 28.26 -27.75
CA THR A 925 9.81 27.42 -28.62
C THR A 925 11.29 27.77 -28.54
N LEU A 926 11.62 29.05 -28.36
CA LEU A 926 13.03 29.46 -28.40
C LEU A 926 13.80 28.99 -27.18
N LEU A 927 13.11 28.81 -26.05
CA LEU A 927 13.73 28.38 -24.81
C LEU A 927 13.32 26.96 -24.43
N ALA A 928 12.86 26.17 -25.40
CA ALA A 928 12.49 24.78 -25.14
C ALA A 928 13.73 23.94 -24.82
N MET A 929 13.57 23.01 -23.90
CA MET A 929 14.66 22.12 -23.48
C MET A 929 14.68 20.89 -24.38
N GLY A 930 15.75 20.74 -25.15
CA GLY A 930 15.90 19.59 -26.03
C GLY A 930 16.36 18.36 -25.28
N PHE A 931 16.61 17.30 -26.05
CA PHE A 931 16.99 16.03 -25.43
C PHE A 931 18.41 16.03 -24.89
N PHE A 932 19.20 17.07 -25.18
CA PHE A 932 20.50 17.22 -24.52
C PHE A 932 20.35 17.66 -23.07
N ARG A 933 19.19 18.21 -22.70
CA ARG A 933 18.92 18.63 -21.33
C ARG A 933 17.79 17.85 -20.66
N GLY A 934 16.84 17.33 -21.42
CA GLY A 934 15.70 16.64 -20.84
C GLY A 934 16.00 15.23 -20.34
N LEU A 935 16.62 14.41 -21.18
CA LEU A 935 16.86 13.01 -20.81
C LEU A 935 17.75 12.84 -19.59
N PRO A 936 18.92 13.49 -19.48
CA PRO A 936 19.72 13.33 -18.25
C PRO A 936 18.97 13.72 -16.98
N LEU A 937 18.11 14.74 -17.06
CA LEU A 937 17.38 15.19 -15.88
C LEU A 937 16.46 14.11 -15.33
N VAL A 938 15.62 13.53 -16.20
CA VAL A 938 14.71 12.48 -15.74
C VAL A 938 15.48 11.24 -15.31
N HIS A 939 16.58 10.94 -16.02
CA HIS A 939 17.41 9.80 -15.62
C HIS A 939 17.96 9.96 -14.21
N THR A 940 18.48 11.15 -13.89
CA THR A 940 19.03 11.38 -12.56
C THR A 940 17.94 11.40 -11.49
N LEU A 941 16.75 11.90 -11.81
CA LEU A 941 15.67 11.88 -10.83
C LEU A 941 15.26 10.44 -10.49
N ILE A 942 15.23 9.56 -11.51
CA ILE A 942 14.96 8.15 -11.24
C ILE A 942 16.05 7.54 -10.37
N THR A 943 17.31 7.92 -10.62
CA THR A 943 18.40 7.44 -9.77
C THR A 943 18.19 7.85 -8.31
N VAL A 944 17.73 9.09 -8.10
CA VAL A 944 17.44 9.56 -6.75
C VAL A 944 16.38 8.69 -6.08
N SER A 945 15.33 8.33 -6.83
CA SER A 945 14.31 7.46 -6.26
C SER A 945 14.90 6.11 -5.84
N LYS A 946 15.76 5.53 -6.67
CA LYS A 946 16.38 4.26 -6.33
C LYS A 946 17.16 4.37 -5.02
N ILE A 947 17.99 5.41 -4.89
CA ILE A 947 18.80 5.60 -3.70
C ILE A 947 17.93 5.75 -2.46
N LEU A 948 16.84 6.52 -2.57
CA LEU A 948 15.97 6.74 -1.42
C LEU A 948 15.31 5.44 -0.96
N HIS A 949 14.84 4.61 -1.90
CA HIS A 949 14.23 3.35 -1.49
C HIS A 949 15.23 2.46 -0.76
N HIS A 950 16.46 2.38 -1.28
CA HIS A 950 17.48 1.57 -0.63
C HIS A 950 17.73 2.05 0.80
N LYS A 951 17.87 3.37 0.99
CA LYS A 951 18.11 3.90 2.32
C LYS A 951 16.96 3.62 3.26
N MET A 952 15.73 3.77 2.76
CA MET A 952 14.52 3.53 3.59
C MET A 952 14.55 2.09 4.11
N LEU A 953 14.74 1.11 3.20
CA LEU A 953 14.71 -0.29 3.62
C LEU A 953 15.83 -0.60 4.61
N HIS A 954 17.04 -0.08 4.36
CA HIS A 954 18.13 -0.30 5.30
C HIS A 954 17.81 0.28 6.67
N SER A 955 17.23 1.48 6.71
CA SER A 955 16.91 2.11 7.99
C SER A 955 15.86 1.31 8.74
N VAL A 956 14.84 0.81 8.04
CA VAL A 956 13.80 0.02 8.69
C VAL A 956 14.38 -1.25 9.30
N LEU A 957 15.28 -1.91 8.57
CA LEU A 957 15.78 -3.21 9.03
C LEU A 957 16.63 -3.15 10.30
N GLN A 958 17.13 -1.97 10.69
CA GLN A 958 18.02 -1.88 11.85
C GLN A 958 17.41 -1.15 13.04
N ALA A 959 16.11 -0.84 13.00
CA ALA A 959 15.49 -0.13 14.11
C ALA A 959 15.34 -1.04 15.33
N PRO A 960 15.26 -0.47 16.53
CA PRO A 960 14.98 -1.29 17.71
C PRO A 960 13.57 -1.84 17.70
N MET A 961 13.39 -2.97 18.39
CA MET A 961 12.08 -3.62 18.43
C MET A 961 11.03 -2.72 19.07
N SER A 962 11.43 -1.87 20.00
CA SER A 962 10.48 -0.95 20.64
C SER A 962 9.88 0.01 19.62
N THR A 963 10.70 0.50 18.68
CA THR A 963 10.17 1.35 17.62
C THR A 963 9.30 0.56 16.65
N LEU A 964 9.78 -0.61 16.22
CA LEU A 964 9.09 -1.46 15.21
C LEU A 964 7.71 -1.89 15.72
N ASN A 965 7.55 -2.13 17.02
CA ASN A 965 6.28 -2.62 17.56
C ASN A 965 5.15 -1.61 17.39
N THR A 966 5.46 -0.33 17.20
CA THR A 966 4.42 0.69 17.06
C THR A 966 3.77 0.66 15.67
N LEU A 967 4.56 0.38 14.64
CA LEU A 967 4.08 0.51 13.26
C LEU A 967 3.03 -0.56 12.94
N LYS A 968 2.06 -0.17 12.11
CA LYS A 968 1.01 -1.06 11.65
C LYS A 968 1.29 -1.52 10.23
N ALA A 969 0.71 -2.66 9.87
CA ALA A 969 0.97 -3.25 8.55
C ALA A 969 0.49 -2.34 7.44
N GLY A 970 -0.67 -1.69 7.64
CA GLY A 970 -1.16 -0.75 6.64
C GLY A 970 -0.21 0.41 6.40
N GLY A 971 0.41 0.91 7.46
CA GLY A 971 1.37 2.00 7.29
C GLY A 971 2.59 1.59 6.48
N ILE A 972 3.11 0.39 6.76
CA ILE A 972 4.26 -0.13 6.02
C ILE A 972 3.90 -0.31 4.55
N LEU A 973 2.75 -0.94 4.29
CA LEU A 973 2.34 -1.16 2.91
C LEU A 973 2.09 0.15 2.18
N ASN A 974 1.46 1.11 2.86
CA ASN A 974 1.19 2.41 2.26
C ASN A 974 2.49 3.11 1.87
N ARG A 975 3.43 3.20 2.81
CA ARG A 975 4.66 3.91 2.53
C ARG A 975 5.49 3.22 1.44
N PHE A 976 5.55 1.89 1.47
CA PHE A 976 6.38 1.20 0.50
C PHE A 976 5.72 1.05 -0.87
N SER A 977 4.39 1.19 -0.96
CA SER A 977 3.72 1.12 -2.25
C SER A 977 3.48 2.49 -2.86
N LYS A 978 2.65 3.32 -2.22
CA LYS A 978 2.15 4.50 -2.90
C LYS A 978 3.21 5.59 -2.98
N ASP A 979 3.92 5.86 -1.87
CA ASP A 979 4.93 6.91 -1.88
C ASP A 979 6.09 6.58 -2.82
N ILE A 980 6.53 5.32 -2.82
CA ILE A 980 7.59 4.89 -3.73
C ILE A 980 7.12 4.98 -5.18
N ALA A 981 5.86 4.61 -5.46
CA ALA A 981 5.35 4.73 -6.81
C ALA A 981 5.33 6.19 -7.26
N ILE A 982 4.93 7.09 -6.35
CA ILE A 982 4.91 8.51 -6.68
C ILE A 982 6.31 8.99 -7.03
N LEU A 983 7.29 8.65 -6.18
CA LEU A 983 8.68 9.05 -6.42
C LEU A 983 9.22 8.49 -7.73
N ASP A 984 8.83 7.26 -8.08
CA ASP A 984 9.33 6.64 -9.30
C ASP A 984 8.70 7.27 -10.55
N ASP A 985 7.39 7.48 -10.55
CA ASP A 985 6.67 7.83 -11.76
C ASP A 985 6.36 9.32 -11.88
N LEU A 986 5.66 9.88 -10.90
CA LEU A 986 5.00 11.16 -11.13
C LEU A 986 5.93 12.35 -10.94
N LEU A 987 6.83 12.27 -9.96
CA LEU A 987 7.69 13.40 -9.64
C LEU A 987 8.59 13.85 -10.79
N PRO A 988 9.30 12.98 -11.51
CA PRO A 988 10.27 13.47 -12.50
C PRO A 988 9.66 14.37 -13.57
N LEU A 989 8.58 13.93 -14.21
CA LEU A 989 8.01 14.69 -15.32
C LEU A 989 7.29 15.94 -14.83
N THR A 990 6.68 15.88 -13.64
CA THR A 990 6.09 17.08 -13.06
C THR A 990 7.17 18.15 -12.81
N ILE A 991 8.31 17.72 -12.29
CA ILE A 991 9.43 18.64 -12.07
C ILE A 991 9.92 19.20 -13.40
N PHE A 992 10.00 18.35 -14.43
CA PHE A 992 10.43 18.82 -15.75
C PHE A 992 9.50 19.91 -16.28
N ASP A 993 8.19 19.70 -16.16
CA ASP A 993 7.22 20.70 -16.61
C ASP A 993 7.39 22.02 -15.85
N PHE A 994 7.53 21.93 -14.52
CA PHE A 994 7.68 23.13 -13.72
C PHE A 994 8.93 23.92 -14.11
N ILE A 995 10.05 23.22 -14.27
CA ILE A 995 11.30 23.89 -14.61
C ILE A 995 11.22 24.53 -15.99
N GLN A 996 10.62 23.84 -16.96
CA GLN A 996 10.49 24.42 -18.28
C GLN A 996 9.66 25.72 -18.24
N LEU A 997 8.54 25.70 -17.52
CA LEU A 997 7.70 26.89 -17.44
C LEU A 997 8.44 28.05 -16.76
N LEU A 998 9.16 27.75 -15.67
CA LEU A 998 9.90 28.80 -14.98
C LEU A 998 10.98 29.41 -15.87
N LEU A 999 11.68 28.57 -16.63
CA LEU A 999 12.71 29.08 -17.53
C LEU A 999 12.08 30.02 -18.57
N ILE A 1000 10.95 29.62 -19.14
CA ILE A 1000 10.31 30.45 -20.16
C ILE A 1000 9.93 31.80 -19.57
N VAL A 1001 9.30 31.79 -18.39
CA VAL A 1001 8.83 33.04 -17.78
C VAL A 1001 10.01 33.96 -17.49
N ILE A 1002 11.06 33.43 -16.85
CA ILE A 1002 12.20 34.27 -16.47
C ILE A 1002 12.90 34.82 -17.71
N GLY A 1003 13.08 33.98 -18.73
CA GLY A 1003 13.74 34.45 -19.94
C GLY A 1003 12.99 35.56 -20.64
N ALA A 1004 11.67 35.38 -20.81
CA ALA A 1004 10.87 36.42 -21.44
C ALA A 1004 10.91 37.72 -20.64
N ILE A 1005 10.78 37.60 -19.31
CA ILE A 1005 10.79 38.79 -18.46
C ILE A 1005 12.11 39.54 -18.60
N ALA A 1006 13.23 38.83 -18.50
CA ALA A 1006 14.53 39.50 -18.55
C ALA A 1006 14.77 40.15 -19.90
N VAL A 1007 14.49 39.43 -20.98
CA VAL A 1007 14.77 39.95 -22.32
C VAL A 1007 13.91 41.18 -22.60
N VAL A 1008 12.62 41.13 -22.27
CA VAL A 1008 11.75 42.28 -22.49
C VAL A 1008 12.18 43.44 -21.61
N ALA A 1009 12.51 43.17 -20.35
CA ALA A 1009 12.81 44.26 -19.40
C ALA A 1009 14.08 45.00 -19.79
N VAL A 1010 15.11 44.28 -20.25
CA VAL A 1010 16.38 44.94 -20.54
C VAL A 1010 16.20 46.02 -21.61
N LEU A 1011 15.42 45.71 -22.66
CA LEU A 1011 15.20 46.69 -23.73
C LEU A 1011 14.17 47.74 -23.33
N GLN A 1012 13.14 47.35 -22.58
CA GLN A 1012 12.08 48.25 -22.14
C GLN A 1012 11.87 48.16 -20.64
N PRO A 1013 12.65 48.89 -19.85
CA PRO A 1013 12.58 48.80 -18.38
C PRO A 1013 11.37 49.53 -17.79
N TYR A 1014 10.21 49.29 -18.40
CA TYR A 1014 8.94 49.87 -17.87
C TYR A 1014 7.87 48.77 -17.90
N ILE A 1015 8.20 47.59 -18.46
CA ILE A 1015 7.23 46.45 -18.44
C ILE A 1015 7.43 45.70 -17.12
N PHE A 1016 8.70 45.51 -16.71
CA PHE A 1016 8.98 44.87 -15.43
C PHE A 1016 8.20 45.55 -14.31
N VAL A 1017 8.25 46.88 -14.25
CA VAL A 1017 7.57 47.61 -13.20
C VAL A 1017 6.06 47.46 -13.31
N ALA A 1018 5.55 47.24 -14.52
CA ALA A 1018 4.12 46.99 -14.70
C ALA A 1018 3.74 45.58 -14.27
N THR A 1019 4.65 44.62 -14.37
CA THR A 1019 4.36 43.25 -13.96
C THR A 1019 4.55 43.01 -12.47
N VAL A 1020 5.25 43.91 -11.75
CA VAL A 1020 5.50 43.68 -10.32
C VAL A 1020 4.24 43.36 -9.51
N PRO A 1021 3.18 44.19 -9.53
CA PRO A 1021 2.05 43.93 -8.61
C PRO A 1021 1.35 42.59 -8.82
N VAL A 1022 1.23 42.13 -10.07
CA VAL A 1022 0.60 40.84 -10.32
C VAL A 1022 1.43 39.71 -9.71
N ILE A 1023 2.75 39.78 -9.87
CA ILE A 1023 3.64 38.78 -9.29
C ILE A 1023 3.50 38.77 -7.78
N VAL A 1024 3.47 39.95 -7.17
CA VAL A 1024 3.33 40.02 -5.71
C VAL A 1024 2.01 39.41 -5.27
N ALA A 1025 0.91 39.74 -5.95
CA ALA A 1025 -0.39 39.21 -5.56
C ALA A 1025 -0.42 37.68 -5.67
N PHE A 1026 0.12 37.13 -6.76
CA PHE A 1026 0.16 35.68 -6.92
C PHE A 1026 0.95 35.02 -5.80
N ILE A 1027 2.11 35.60 -5.47
CA ILE A 1027 2.96 35.01 -4.44
C ILE A 1027 2.27 35.03 -3.08
N MET A 1028 1.63 36.15 -2.73
CA MET A 1028 0.96 36.22 -1.44
C MET A 1028 -0.19 35.22 -1.35
N LEU A 1029 -1.00 35.10 -2.40
CA LEU A 1029 -2.07 34.11 -2.36
C LEU A 1029 -1.53 32.69 -2.21
N ARG A 1030 -0.46 32.36 -2.95
CA ARG A 1030 0.13 31.03 -2.84
C ARG A 1030 0.62 30.75 -1.43
N ALA A 1031 1.29 31.73 -0.81
CA ALA A 1031 1.78 31.55 0.56
C ALA A 1031 0.64 31.34 1.53
N TYR A 1032 -0.45 32.09 1.36
CA TYR A 1032 -1.61 31.91 2.24
C TYR A 1032 -2.21 30.52 2.11
N PHE A 1033 -2.34 30.03 0.87
CA PHE A 1033 -3.05 28.77 0.64
C PHE A 1033 -2.23 27.56 1.09
N LEU A 1034 -0.91 27.58 0.91
CA LEU A 1034 -0.07 26.39 1.19
C LEU A 1034 0.04 26.09 2.69
N GLN A 1035 -0.31 27.03 3.57
CA GLN A 1035 -0.28 26.76 5.01
C GLN A 1035 -1.31 25.73 5.41
N THR A 1036 -2.52 25.82 4.84
CA THR A 1036 -3.56 24.82 5.10
C THR A 1036 -3.43 23.62 4.17
N SER A 1037 -3.02 23.84 2.92
CA SER A 1037 -2.97 22.76 1.95
C SER A 1037 -2.01 21.65 2.38
N GLN A 1038 -0.86 22.01 2.95
CA GLN A 1038 0.12 21.00 3.36
C GLN A 1038 -0.44 20.10 4.46
N GLN A 1039 -1.10 20.69 5.46
CA GLN A 1039 -1.70 19.88 6.52
C GLN A 1039 -2.78 18.96 5.98
N LEU A 1040 -3.62 19.48 5.07
CA LEU A 1040 -4.70 18.64 4.54
C LEU A 1040 -4.13 17.47 3.73
N LYS A 1041 -3.07 17.72 2.95
CA LYS A 1041 -2.45 16.63 2.20
C LYS A 1041 -1.84 15.60 3.13
N GLN A 1042 -1.22 16.04 4.24
CA GLN A 1042 -0.69 15.09 5.21
C GLN A 1042 -1.79 14.20 5.79
N LEU A 1043 -2.92 14.82 6.14
CA LEU A 1043 -4.03 14.05 6.71
C LEU A 1043 -4.58 13.05 5.70
N GLU A 1044 -4.75 13.47 4.44
CA GLU A 1044 -5.24 12.55 3.41
C GLU A 1044 -4.27 11.40 3.19
N SER A 1045 -2.97 11.68 3.20
CA SER A 1045 -1.98 10.61 3.03
C SER A 1045 -2.05 9.62 4.17
N GLU A 1046 -2.21 10.10 5.40
CA GLU A 1046 -2.32 9.20 6.55
C GLU A 1046 -3.61 8.39 6.50
N GLY A 1047 -4.68 8.94 5.92
CA GLY A 1047 -5.96 8.25 5.89
C GLY A 1047 -5.99 6.96 5.09
N ARG A 1048 -4.97 6.68 4.28
CA ARG A 1048 -4.95 5.46 3.47
C ARG A 1048 -4.65 4.21 4.30
N SER A 1049 -3.87 4.34 5.36
CA SER A 1049 -3.38 3.17 6.09
C SER A 1049 -4.47 2.25 6.65
N PRO A 1050 -5.55 2.75 7.28
CA PRO A 1050 -6.56 1.82 7.83
C PRO A 1050 -7.18 0.91 6.78
N ILE A 1051 -7.34 1.38 5.55
CA ILE A 1051 -7.89 0.55 4.49
C ILE A 1051 -7.01 -0.68 4.26
N PHE A 1052 -5.70 -0.46 4.11
CA PHE A 1052 -4.79 -1.57 3.89
C PHE A 1052 -4.71 -2.48 5.11
N THR A 1053 -4.72 -1.91 6.32
CA THR A 1053 -4.67 -2.74 7.51
C THR A 1053 -5.89 -3.66 7.58
N HIS A 1054 -7.08 -3.11 7.32
CA HIS A 1054 -8.29 -3.93 7.33
C HIS A 1054 -8.21 -5.02 6.28
N LEU A 1055 -7.71 -4.70 5.08
CA LEU A 1055 -7.62 -5.71 4.04
C LEU A 1055 -6.68 -6.85 4.44
N VAL A 1056 -5.52 -6.51 5.01
CA VAL A 1056 -4.56 -7.54 5.43
C VAL A 1056 -5.16 -8.44 6.50
N THR A 1057 -5.81 -7.84 7.51
CA THR A 1057 -6.35 -8.66 8.59
C THR A 1057 -7.53 -9.51 8.11
N SER A 1058 -8.29 -9.00 7.14
CA SER A 1058 -9.41 -9.76 6.57
C SER A 1058 -8.85 -10.98 5.81
N LEU A 1059 -7.77 -10.77 5.06
CA LEU A 1059 -7.15 -11.88 4.33
C LEU A 1059 -6.61 -12.94 5.27
N LYS A 1060 -5.98 -12.53 6.38
CA LYS A 1060 -5.36 -13.51 7.27
C LYS A 1060 -6.37 -14.44 7.93
N GLY A 1061 -7.55 -13.93 8.30
CA GLY A 1061 -8.51 -14.75 9.02
C GLY A 1061 -9.80 -15.04 8.29
N LEU A 1062 -9.71 -15.30 6.98
CA LEU A 1062 -10.91 -15.48 6.17
C LEU A 1062 -11.69 -16.72 6.58
N TRP A 1063 -11.00 -17.83 6.87
CA TRP A 1063 -11.69 -19.07 7.19
C TRP A 1063 -12.48 -18.95 8.50
N THR A 1064 -11.89 -18.30 9.50
CA THR A 1064 -12.61 -18.06 10.76
C THR A 1064 -13.82 -17.17 10.55
N LEU A 1065 -13.65 -16.10 9.75
CA LEU A 1065 -14.77 -15.20 9.46
C LEU A 1065 -15.90 -15.95 8.79
N ARG A 1066 -15.59 -16.82 7.83
CA ARG A 1066 -16.64 -17.54 7.12
C ARG A 1066 -17.29 -18.59 8.01
N ALA A 1067 -16.50 -19.24 8.89
CA ALA A 1067 -17.08 -20.21 9.80
C ALA A 1067 -18.03 -19.57 10.79
N PHE A 1068 -17.65 -18.42 11.36
CA PHE A 1068 -18.51 -17.76 12.33
C PHE A 1068 -19.70 -17.05 11.69
N GLY A 1069 -19.55 -16.60 10.44
CA GLY A 1069 -20.61 -15.87 9.78
C GLY A 1069 -20.66 -14.41 10.18
N ARG A 1070 -19.51 -13.74 10.19
CA ARG A 1070 -19.41 -12.35 10.61
C ARG A 1070 -19.04 -11.41 9.46
N GLN A 1071 -19.34 -11.81 8.22
CA GLN A 1071 -19.02 -10.96 7.08
C GLN A 1071 -19.65 -9.58 7.12
N PRO A 1072 -20.94 -9.40 7.46
CA PRO A 1072 -21.50 -8.04 7.49
C PRO A 1072 -20.79 -7.09 8.44
N TYR A 1073 -20.35 -7.59 9.59
CA TYR A 1073 -19.61 -6.78 10.56
C TYR A 1073 -18.33 -6.22 9.95
N PHE A 1074 -17.56 -7.08 9.28
CA PHE A 1074 -16.32 -6.64 8.66
C PHE A 1074 -16.59 -5.70 7.48
N GLU A 1075 -17.69 -5.93 6.75
CA GLU A 1075 -18.04 -5.00 5.67
C GLU A 1075 -18.34 -3.61 6.23
N THR A 1076 -19.03 -3.54 7.37
CA THR A 1076 -19.29 -2.25 8.00
C THR A 1076 -17.98 -1.57 8.42
N LEU A 1077 -17.04 -2.33 8.98
CA LEU A 1077 -15.75 -1.74 9.35
C LEU A 1077 -15.02 -1.19 8.13
N PHE A 1078 -15.05 -1.92 7.01
CA PHE A 1078 -14.43 -1.42 5.79
C PHE A 1078 -15.08 -0.13 5.30
N HIS A 1079 -16.41 -0.05 5.37
CA HIS A 1079 -17.09 1.18 4.98
C HIS A 1079 -16.67 2.35 5.87
N LYS A 1080 -16.49 2.09 7.16
CA LYS A 1080 -15.98 3.11 8.07
C LYS A 1080 -14.63 3.65 7.58
N ALA A 1081 -13.72 2.75 7.24
CA ALA A 1081 -12.40 3.19 6.75
C ALA A 1081 -12.53 4.03 5.49
N LEU A 1082 -13.39 3.59 4.56
CA LEU A 1082 -13.58 4.34 3.31
C LEU A 1082 -14.06 5.76 3.59
N ASN A 1083 -15.06 5.91 4.46
CA ASN A 1083 -15.59 7.24 4.76
C ASN A 1083 -14.55 8.12 5.43
N LEU A 1084 -13.74 7.53 6.31
CA LEU A 1084 -12.69 8.28 6.98
C LEU A 1084 -11.71 8.86 5.97
N HIS A 1085 -11.31 8.09 4.95
CA HIS A 1085 -10.45 8.66 3.92
C HIS A 1085 -11.17 9.73 3.10
N THR A 1086 -12.45 9.49 2.81
CA THR A 1086 -13.19 10.37 1.91
C THR A 1086 -13.31 11.79 2.49
N ALA A 1087 -13.50 11.91 3.80
CA ALA A 1087 -13.65 13.25 4.38
C ALA A 1087 -12.44 14.16 4.06
N ASN A 1088 -11.23 13.67 4.37
CA ASN A 1088 -10.03 14.45 4.12
C ASN A 1088 -9.81 14.70 2.63
N TRP A 1089 -10.02 13.67 1.80
CA TRP A 1089 -9.78 13.84 0.37
C TRP A 1089 -10.71 14.92 -0.21
N PHE A 1090 -11.98 14.91 0.19
CA PHE A 1090 -12.94 15.89 -0.28
C PHE A 1090 -12.55 17.29 0.13
N LEU A 1091 -12.11 17.46 1.38
CA LEU A 1091 -11.70 18.79 1.91
C LEU A 1091 -10.49 19.32 1.14
N TYR A 1092 -9.53 18.46 0.78
CA TYR A 1092 -8.37 18.88 0.00
C TYR A 1092 -8.79 19.34 -1.40
N LEU A 1093 -9.65 18.56 -2.05
CA LEU A 1093 -10.07 18.93 -3.42
C LEU A 1093 -10.82 20.26 -3.44
N SER A 1094 -11.69 20.48 -2.45
CA SER A 1094 -12.44 21.74 -2.42
C SER A 1094 -11.52 22.94 -2.24
N THR A 1095 -10.55 22.84 -1.33
CA THR A 1095 -9.65 23.97 -1.11
C THR A 1095 -8.79 24.24 -2.36
N LEU A 1096 -8.36 23.18 -3.04
CA LEU A 1096 -7.61 23.37 -4.28
C LEU A 1096 -8.43 24.12 -5.33
N ARG A 1097 -9.71 23.75 -5.47
CA ARG A 1097 -10.56 24.45 -6.42
C ARG A 1097 -10.72 25.92 -6.06
N TRP A 1098 -10.89 26.21 -4.76
CA TRP A 1098 -10.97 27.60 -4.32
C TRP A 1098 -9.74 28.39 -4.73
N PHE A 1099 -8.55 27.81 -4.54
CA PHE A 1099 -7.31 28.52 -4.87
C PHE A 1099 -7.22 28.81 -6.37
N GLN A 1100 -7.50 27.80 -7.21
CA GLN A 1100 -7.40 28.01 -8.65
C GLN A 1100 -8.38 29.08 -9.12
N MET A 1101 -9.62 29.05 -8.61
CA MET A 1101 -10.58 30.07 -8.97
C MET A 1101 -10.13 31.46 -8.53
N ARG A 1102 -9.44 31.59 -7.41
CA ARG A 1102 -9.05 32.93 -6.89
C ARG A 1102 -7.91 33.47 -7.76
N ILE A 1103 -7.00 32.58 -8.17
CA ILE A 1103 -5.94 33.04 -9.06
C ILE A 1103 -6.52 33.56 -10.37
N GLU A 1104 -7.45 32.79 -10.94
CA GLU A 1104 -8.12 33.14 -12.21
C GLU A 1104 -8.84 34.48 -12.06
N MET A 1105 -9.52 34.72 -10.94
CA MET A 1105 -10.28 35.95 -10.71
C MET A 1105 -9.36 37.15 -10.57
N ILE A 1106 -8.23 36.99 -9.88
CA ILE A 1106 -7.28 38.09 -9.74
C ILE A 1106 -6.74 38.51 -11.11
N PHE A 1107 -6.38 37.52 -11.94
CA PHE A 1107 -5.91 37.83 -13.28
C PHE A 1107 -6.98 38.59 -14.07
N VAL A 1108 -8.24 38.16 -13.95
CA VAL A 1108 -9.31 38.80 -14.70
C VAL A 1108 -9.48 40.25 -14.26
N ILE A 1109 -9.43 40.51 -12.95
CA ILE A 1109 -9.58 41.87 -12.44
C ILE A 1109 -8.48 42.76 -12.99
N PHE A 1110 -7.23 42.27 -12.96
CA PHE A 1110 -6.12 43.07 -13.47
C PHE A 1110 -6.27 43.35 -14.96
N PHE A 1111 -6.67 42.34 -15.74
CA PHE A 1111 -6.84 42.54 -17.18
C PHE A 1111 -7.95 43.53 -17.48
N ILE A 1112 -9.04 43.48 -16.72
CA ILE A 1112 -10.13 44.43 -16.91
C ILE A 1112 -9.66 45.85 -16.63
N ALA A 1113 -8.88 46.03 -15.55
CA ALA A 1113 -8.35 47.36 -15.27
C ALA A 1113 -7.42 47.82 -16.39
N VAL A 1114 -6.64 46.91 -16.95
CA VAL A 1114 -5.66 47.29 -17.98
C VAL A 1114 -6.36 47.70 -19.27
N THR A 1115 -7.38 46.96 -19.69
CA THR A 1115 -7.96 47.18 -21.02
C THR A 1115 -8.62 48.55 -21.14
N PHE A 1116 -9.35 48.97 -20.10
CA PHE A 1116 -10.07 50.24 -20.18
C PHE A 1116 -9.11 51.41 -20.09
N ILE A 1117 -8.05 51.28 -19.28
CA ILE A 1117 -7.02 52.31 -19.22
C ILE A 1117 -6.34 52.45 -20.58
N SER A 1118 -6.02 51.33 -21.21
CA SER A 1118 -5.36 51.38 -22.52
C SER A 1118 -6.25 52.05 -23.55
N ILE A 1119 -7.55 51.73 -23.56
CA ILE A 1119 -8.45 52.34 -24.53
C ILE A 1119 -8.62 53.83 -24.25
N LEU A 1120 -8.75 54.21 -22.98
CA LEU A 1120 -8.95 55.61 -22.60
C LEU A 1120 -7.75 56.48 -22.96
N THR A 1121 -6.54 56.08 -22.58
CA THR A 1121 -5.37 56.98 -22.71
C THR A 1121 -4.86 56.98 -24.14
N THR A 1122 -5.49 56.18 -25.01
CA THR A 1122 -5.08 56.12 -26.44
C THR A 1122 -5.77 57.25 -27.21
N GLY A 1123 -5.01 58.25 -27.67
CA GLY A 1123 -5.59 59.37 -28.43
C GLY A 1123 -5.26 59.27 -29.91
N GLU A 1124 -5.04 60.41 -30.56
CA GLU A 1124 -4.68 60.42 -32.01
C GLU A 1124 -3.34 59.72 -32.21
N GLY A 1125 -2.43 59.84 -31.24
CA GLY A 1125 -1.11 59.20 -31.34
C GLY A 1125 -1.15 57.74 -30.93
N GLU A 1126 -0.03 57.03 -31.06
CA GLU A 1126 0.02 55.58 -30.69
C GLU A 1126 -0.25 55.44 -29.18
N GLY A 1127 -0.94 54.37 -28.78
CA GLY A 1127 -1.24 54.14 -27.36
C GLY A 1127 -0.07 53.51 -26.64
N ARG A 1128 0.98 54.29 -26.35
CA ARG A 1128 2.20 53.77 -25.69
C ARG A 1128 1.81 53.06 -24.39
N VAL A 1129 0.97 53.70 -23.56
CA VAL A 1129 0.53 53.08 -22.30
C VAL A 1129 -0.09 51.71 -22.59
N GLY A 1130 -0.98 51.65 -23.58
CA GLY A 1130 -1.57 50.37 -23.94
C GLY A 1130 -0.55 49.39 -24.46
N ILE A 1131 0.42 49.87 -25.25
CA ILE A 1131 1.45 48.99 -25.79
C ILE A 1131 2.23 48.34 -24.65
N ILE A 1132 2.59 49.09 -23.62
CA ILE A 1132 3.32 48.52 -22.50
C ILE A 1132 2.43 47.59 -21.68
N LEU A 1133 1.21 48.04 -21.36
CA LEU A 1133 0.38 47.30 -20.41
C LEU A 1133 -0.10 45.97 -20.98
N THR A 1134 -0.49 45.94 -22.25
CA THR A 1134 -0.98 44.69 -22.83
C THR A 1134 0.13 43.66 -22.95
N LEU A 1135 1.34 44.10 -23.32
CA LEU A 1135 2.47 43.17 -23.34
C LEU A 1135 2.78 42.66 -21.95
N ALA A 1136 2.69 43.53 -20.94
CA ALA A 1136 2.88 43.07 -19.56
C ALA A 1136 1.85 42.01 -19.19
N MET A 1137 0.59 42.21 -19.58
CA MET A 1137 -0.45 41.24 -19.25
C MET A 1137 -0.26 39.93 -20.00
N ASN A 1138 0.35 39.97 -21.20
CA ASN A 1138 0.59 38.74 -21.94
C ASN A 1138 1.55 37.81 -21.20
N ILE A 1139 2.56 38.37 -20.54
CA ILE A 1139 3.55 37.56 -19.85
C ILE A 1139 2.95 36.85 -18.63
N MET A 1140 2.01 37.49 -17.94
CA MET A 1140 1.41 36.88 -16.75
C MET A 1140 0.62 35.62 -17.07
N SER A 1141 0.12 35.49 -18.29
CA SER A 1141 -0.56 34.26 -18.76
C SER A 1141 0.32 33.01 -18.55
N THR A 1142 1.63 33.04 -18.83
CA THR A 1142 2.52 31.91 -18.56
C THR A 1142 2.78 31.76 -17.06
N LEU A 1143 2.79 32.88 -16.33
CA LEU A 1143 3.04 32.83 -14.89
C LEU A 1143 1.93 32.10 -14.16
N GLN A 1144 0.68 32.25 -14.62
CA GLN A 1144 -0.43 31.54 -14.00
C GLN A 1144 -0.25 30.02 -14.10
N TRP A 1145 0.06 29.54 -15.30
CA TRP A 1145 0.37 28.13 -15.52
C TRP A 1145 1.54 27.69 -14.64
N ALA A 1146 2.57 28.52 -14.53
CA ALA A 1146 3.72 28.19 -13.70
C ALA A 1146 3.32 28.04 -12.23
N VAL A 1147 2.43 28.89 -11.75
CA VAL A 1147 2.01 28.83 -10.35
C VAL A 1147 1.21 27.54 -10.09
N ASN A 1148 0.33 27.17 -11.02
CA ASN A 1148 -0.39 25.91 -10.86
C ASN A 1148 0.56 24.71 -10.85
N SER A 1149 1.57 24.74 -11.72
CA SER A 1149 2.57 23.67 -11.74
C SER A 1149 3.33 23.60 -10.42
N SER A 1150 3.67 24.77 -9.86
CA SER A 1150 4.36 24.77 -8.57
C SER A 1150 3.48 24.16 -7.48
N ILE A 1151 2.17 24.43 -7.53
CA ILE A 1151 1.28 23.86 -6.53
C ILE A 1151 1.28 22.34 -6.61
N ASP A 1152 1.19 21.79 -7.82
CA ASP A 1152 1.17 20.32 -7.89
C ASP A 1152 2.52 19.70 -7.51
N VAL A 1153 3.63 20.39 -7.78
CA VAL A 1153 4.94 19.89 -7.33
C VAL A 1153 4.99 19.84 -5.80
N ASP A 1154 4.56 20.93 -5.15
CA ASP A 1154 4.56 20.95 -3.69
C ASP A 1154 3.64 19.88 -3.12
N SER A 1155 2.52 19.61 -3.80
CA SER A 1155 1.64 18.53 -3.36
C SER A 1155 2.35 17.18 -3.42
N LEU A 1156 3.13 16.94 -4.47
CA LEU A 1156 3.83 15.66 -4.56
C LEU A 1156 5.00 15.54 -3.58
N MET A 1157 5.58 16.66 -3.13
CA MET A 1157 6.76 16.58 -2.26
C MET A 1157 6.47 16.06 -0.84
N ARG A 1158 5.19 15.93 -0.46
CA ARG A 1158 4.88 15.36 0.85
C ARG A 1158 5.32 13.90 0.95
N SER A 1159 5.29 13.17 -0.17
CA SER A 1159 5.77 11.80 -0.17
C SER A 1159 7.26 11.74 0.15
N VAL A 1160 8.04 12.67 -0.42
CA VAL A 1160 9.46 12.76 -0.11
C VAL A 1160 9.65 13.03 1.38
N SER A 1161 8.86 13.96 1.93
CA SER A 1161 8.99 14.26 3.36
C SER A 1161 8.70 13.02 4.22
N ARG A 1162 7.69 12.23 3.88
CA ARG A 1162 7.31 10.97 4.59
C ARG A 1162 8.40 9.91 4.47
N VAL A 1163 9.00 9.81 3.31
CA VAL A 1163 10.11 8.86 3.14
C VAL A 1163 11.29 9.27 4.01
N PHE A 1164 11.59 10.57 4.06
CA PHE A 1164 12.69 11.04 4.89
C PHE A 1164 12.41 10.82 6.37
N LYS A 1165 11.16 11.02 6.79
CA LYS A 1165 10.81 10.73 8.17
C LYS A 1165 11.07 9.26 8.50
N PHE A 1166 10.76 8.37 7.55
CA PHE A 1166 11.01 6.95 7.78
C PHE A 1166 12.52 6.63 7.79
N ILE A 1167 13.30 7.37 7.02
CA ILE A 1167 14.75 7.13 6.93
C ILE A 1167 15.45 7.50 8.25
N ASP A 1168 14.95 8.50 8.96
CA ASP A 1168 15.62 9.03 10.15
C ASP A 1168 15.26 8.28 11.43
N MET A 1169 14.82 7.03 11.33
CA MET A 1169 14.53 6.25 12.53
C MET A 1169 15.82 5.94 13.29
N PRO A 1170 15.73 5.80 14.62
CA PRO A 1170 16.93 5.47 15.40
C PRO A 1170 17.45 4.08 15.11
N THR A 1171 18.75 3.90 15.31
CA THR A 1171 19.42 2.62 15.14
C THR A 1171 19.59 1.95 16.50
N GLU A 1172 19.23 0.67 16.58
CA GLU A 1172 19.31 -0.04 17.85
C GLU A 1172 20.74 -0.23 18.34
N GLY A 1173 21.72 -0.18 17.43
CA GLY A 1173 23.11 -0.33 17.83
C GLY A 1173 23.63 0.80 18.70
N ILE A 1203 39.35 -18.94 17.93
CA ILE A 1203 37.90 -18.80 18.01
C ILE A 1203 37.51 -18.36 19.42
N TRP A 1204 36.57 -17.41 19.50
CA TRP A 1204 36.16 -16.90 20.81
C TRP A 1204 35.25 -17.90 21.54
N PRO A 1205 34.15 -18.37 20.94
CA PRO A 1205 33.33 -19.36 21.66
C PRO A 1205 34.04 -20.70 21.71
N SER A 1206 34.99 -20.83 22.65
CA SER A 1206 35.81 -22.03 22.72
C SER A 1206 35.11 -23.14 23.50
N GLY A 1207 34.67 -22.85 24.71
CA GLY A 1207 34.02 -23.87 25.54
C GLY A 1207 32.52 -23.80 25.52
N GLY A 1208 31.97 -22.60 25.69
CA GLY A 1208 30.53 -22.43 25.84
C GLY A 1208 30.07 -22.04 27.23
N GLN A 1209 30.97 -21.58 28.10
CA GLN A 1209 30.59 -21.16 29.43
C GLN A 1209 29.82 -19.84 29.39
N MET A 1210 28.87 -19.69 30.32
CA MET A 1210 28.07 -18.48 30.45
C MET A 1210 28.01 -18.04 31.90
N THR A 1211 27.93 -16.72 32.10
CA THR A 1211 27.68 -16.14 33.41
C THR A 1211 26.77 -14.95 33.25
N VAL A 1212 25.65 -14.93 33.99
CA VAL A 1212 24.67 -13.85 33.97
C VAL A 1212 24.67 -13.17 35.33
N LYS A 1213 24.80 -11.84 35.33
CA LYS A 1213 24.96 -11.08 36.57
C LYS A 1213 23.98 -9.91 36.56
N ASP A 1214 23.00 -9.96 37.48
CA ASP A 1214 22.02 -8.90 37.71
C ASP A 1214 21.31 -8.47 36.42
N LEU A 1215 20.78 -9.45 35.69
CA LEU A 1215 20.07 -9.16 34.45
C LEU A 1215 18.63 -8.76 34.76
N THR A 1216 18.24 -7.58 34.31
CA THR A 1216 16.86 -7.11 34.36
C THR A 1216 16.40 -6.79 32.94
N ALA A 1217 15.16 -7.13 32.63
CA ALA A 1217 14.66 -7.02 31.26
C ALA A 1217 13.27 -6.40 31.24
N LYS A 1218 13.04 -5.53 30.25
CA LYS A 1218 11.73 -4.92 30.05
C LYS A 1218 11.55 -4.59 28.57
N TYR A 1219 10.29 -4.41 28.17
CA TYR A 1219 9.94 -4.20 26.78
C TYR A 1219 9.89 -2.72 26.39
N THR A 1220 9.40 -1.86 27.28
CA THR A 1220 9.46 -0.43 27.07
C THR A 1220 10.21 0.22 28.24
N GLU A 1221 10.89 1.32 27.94
CA GLU A 1221 11.60 2.06 28.97
C GLU A 1221 10.62 2.60 30.01
N GLY A 1222 10.94 2.39 31.28
CA GLY A 1222 10.05 2.82 32.35
C GLY A 1222 8.74 2.09 32.41
N GLY A 1223 8.75 0.77 32.25
CA GLY A 1223 7.55 -0.04 32.36
C GLY A 1223 7.70 -1.14 33.37
N ASN A 1224 6.75 -2.07 33.41
CA ASN A 1224 6.84 -3.21 34.31
C ASN A 1224 8.03 -4.08 33.93
N ALA A 1225 8.74 -4.58 34.93
CA ALA A 1225 9.89 -5.45 34.72
C ALA A 1225 9.41 -6.90 34.67
N ILE A 1226 9.61 -7.55 33.52
CA ILE A 1226 9.23 -8.95 33.38
C ILE A 1226 10.16 -9.84 34.19
N LEU A 1227 11.45 -9.53 34.18
CA LEU A 1227 12.46 -10.30 34.89
C LEU A 1227 13.39 -9.34 35.61
N GLU A 1228 13.55 -9.53 36.92
CA GLU A 1228 14.27 -8.58 37.76
C GLU A 1228 15.37 -9.30 38.53
N ASN A 1229 16.61 -8.86 38.34
CA ASN A 1229 17.76 -9.26 39.16
C ASN A 1229 17.97 -10.77 39.16
N ILE A 1230 18.32 -11.30 37.99
CA ILE A 1230 18.54 -12.73 37.79
C ILE A 1230 20.04 -12.99 37.63
N SER A 1231 20.53 -14.04 38.30
CA SER A 1231 21.93 -14.41 38.23
C SER A 1231 22.05 -15.93 38.23
N PHE A 1232 22.80 -16.47 37.28
CA PHE A 1232 23.12 -17.89 37.26
C PHE A 1232 24.34 -18.11 36.38
N SER A 1233 24.86 -19.34 36.39
CA SER A 1233 26.01 -19.71 35.59
C SER A 1233 25.81 -21.10 35.01
N ILE A 1234 26.45 -21.36 33.87
CA ILE A 1234 26.31 -22.61 33.15
C ILE A 1234 27.68 -23.14 32.80
N SER A 1235 27.91 -24.43 33.07
CA SER A 1235 29.15 -25.09 32.66
C SER A 1235 29.14 -25.33 31.15
N PRO A 1236 30.29 -25.24 30.49
CA PRO A 1236 30.33 -25.45 29.04
C PRO A 1236 29.87 -26.85 28.65
N GLY A 1237 29.08 -26.90 27.58
CA GLY A 1237 28.54 -28.15 27.07
C GLY A 1237 27.55 -28.86 27.98
N GLN A 1238 26.62 -28.08 28.55
CA GLN A 1238 25.64 -28.65 29.50
C GLN A 1238 24.21 -28.49 28.95
N ARG A 1239 23.29 -29.34 29.41
CA ARG A 1239 21.89 -29.30 29.03
C ARG A 1239 21.06 -28.64 30.12
N VAL A 1240 20.31 -27.60 29.75
CA VAL A 1240 19.55 -26.79 30.69
C VAL A 1240 18.09 -26.82 30.26
N GLY A 1241 17.21 -27.12 31.21
CA GLY A 1241 15.79 -27.12 30.98
C GLY A 1241 15.12 -25.92 31.60
N LEU A 1242 14.56 -25.07 30.75
CA LEU A 1242 13.87 -23.86 31.18
C LEU A 1242 12.37 -24.11 31.20
N LEU A 1243 11.77 -23.91 32.37
CA LEU A 1243 10.33 -24.25 32.51
C LEU A 1243 9.58 -23.16 33.27
N GLY A 1244 8.26 -23.16 33.12
CA GLY A 1244 7.36 -22.26 33.83
C GLY A 1244 5.99 -22.31 33.21
N ARG A 1245 5.06 -21.63 33.86
CA ARG A 1245 3.68 -21.54 33.38
C ARG A 1245 3.61 -20.72 32.09
N THR A 1246 2.60 -21.00 31.28
CA THR A 1246 2.39 -20.21 30.07
C THR A 1246 2.18 -18.75 30.42
N GLY A 1247 3.00 -17.88 29.85
CA GLY A 1247 3.01 -16.48 30.22
C GLY A 1247 3.97 -16.11 31.32
N SER A 1248 4.89 -17.01 31.70
CA SER A 1248 5.83 -16.73 32.77
C SER A 1248 6.90 -15.73 32.33
N GLY A 1249 7.46 -15.92 31.14
CA GLY A 1249 8.58 -15.12 30.69
C GLY A 1249 9.80 -15.90 30.23
N LYS A 1250 9.60 -17.14 29.78
CA LYS A 1250 10.70 -17.93 29.23
C LYS A 1250 11.22 -17.32 27.93
N SER A 1251 10.31 -16.99 27.01
CA SER A 1251 10.71 -16.34 25.76
C SER A 1251 11.33 -14.98 26.02
N THR A 1252 10.89 -14.29 27.08
CA THR A 1252 11.50 -13.01 27.44
C THR A 1252 12.96 -13.20 27.82
N LEU A 1253 13.27 -14.24 28.59
CA LEU A 1253 14.65 -14.54 28.94
C LEU A 1253 15.46 -14.92 27.70
N LEU A 1254 14.85 -15.70 26.79
CA LEU A 1254 15.57 -16.08 25.58
C LEU A 1254 15.90 -14.86 24.72
N SER A 1255 14.97 -13.91 24.63
CA SER A 1255 15.23 -12.72 23.83
C SER A 1255 16.18 -11.76 24.53
N ALA A 1256 16.22 -11.77 25.86
CA ALA A 1256 17.18 -10.93 26.58
C ALA A 1256 18.61 -11.35 26.29
N PHE A 1257 18.85 -12.63 26.00
CA PHE A 1257 20.18 -13.10 25.66
C PHE A 1257 20.71 -12.47 24.39
N LEU A 1258 19.82 -12.17 23.43
CA LEU A 1258 20.20 -11.61 22.14
C LEU A 1258 20.02 -10.10 22.07
N ARG A 1259 19.75 -9.44 23.20
CA ARG A 1259 19.57 -7.99 23.27
C ARG A 1259 18.47 -7.52 22.31
N LEU A 1260 17.33 -8.21 22.35
CA LEU A 1260 16.18 -7.83 21.54
C LEU A 1260 15.21 -6.92 22.26
N LEU A 1261 15.45 -6.65 23.55
CA LEU A 1261 14.59 -5.76 24.37
C LEU A 1261 15.51 -4.90 25.25
N ASN A 1262 14.94 -4.11 26.17
CA ASN A 1262 15.73 -3.26 27.06
C ASN A 1262 16.27 -4.08 28.23
N THR A 1263 17.58 -3.97 28.47
CA THR A 1263 18.26 -4.83 29.43
C THR A 1263 19.18 -4.03 30.35
N GLU A 1264 19.45 -4.60 31.51
CA GLU A 1264 20.45 -4.12 32.45
C GLU A 1264 21.18 -5.33 33.03
N GLY A 1265 22.42 -5.12 33.44
CA GLY A 1265 23.26 -6.20 33.92
C GLY A 1265 24.26 -6.63 32.87
N GLU A 1266 24.94 -7.75 33.16
CA GLU A 1266 25.97 -8.22 32.25
C GLU A 1266 25.86 -9.71 31.99
N ILE A 1267 26.28 -10.10 30.79
CA ILE A 1267 26.36 -11.50 30.37
C ILE A 1267 27.74 -11.73 29.80
N GLN A 1268 28.38 -12.82 30.22
CA GLN A 1268 29.73 -13.15 29.78
C GLN A 1268 29.75 -14.54 29.18
N ILE A 1269 30.36 -14.66 28.00
CA ILE A 1269 30.56 -15.94 27.34
C ILE A 1269 32.07 -16.16 27.23
N ASP A 1270 32.59 -17.12 27.99
CA ASP A 1270 34.02 -17.47 27.96
C ASP A 1270 34.92 -16.25 28.18
N GLY A 1271 34.54 -15.41 29.14
CA GLY A 1271 35.36 -14.29 29.53
C GLY A 1271 35.21 -13.03 28.71
N VAL A 1272 34.28 -12.99 27.75
CA VAL A 1272 34.08 -11.82 26.91
C VAL A 1272 32.67 -11.30 27.16
N SER A 1273 32.58 -10.07 27.69
CA SER A 1273 31.29 -9.49 28.00
C SER A 1273 30.64 -8.90 26.75
N TRP A 1274 29.32 -8.77 26.80
CA TRP A 1274 28.58 -8.24 25.65
C TRP A 1274 28.77 -6.74 25.48
N ASP A 1275 29.44 -6.08 26.42
CA ASP A 1275 29.77 -4.67 26.31
C ASP A 1275 31.17 -4.45 25.74
N SER A 1276 31.83 -5.50 25.25
CA SER A 1276 33.17 -5.40 24.70
C SER A 1276 33.25 -5.56 23.19
N ILE A 1277 32.20 -6.06 22.53
CA ILE A 1277 32.18 -6.27 21.10
C ILE A 1277 30.92 -5.65 20.52
N THR A 1278 30.73 -5.80 19.21
CA THR A 1278 29.55 -5.24 18.56
C THR A 1278 28.37 -6.21 18.67
N LEU A 1279 27.20 -5.70 18.32
CA LEU A 1279 25.97 -6.50 18.40
C LEU A 1279 26.01 -7.69 17.45
N GLN A 1280 26.49 -7.49 16.23
CA GLN A 1280 26.49 -8.55 15.23
C GLN A 1280 27.39 -9.71 15.65
N GLN A 1281 28.59 -9.40 16.15
CA GLN A 1281 29.49 -10.46 16.59
C GLN A 1281 28.90 -11.24 17.76
N TRP A 1282 28.25 -10.55 18.69
CA TRP A 1282 27.62 -11.24 19.82
C TRP A 1282 26.48 -12.13 19.35
N ARG A 1283 25.67 -11.65 18.40
CA ARG A 1283 24.53 -12.45 17.93
C ARG A 1283 24.97 -13.63 17.08
N LYS A 1284 26.15 -13.54 16.44
CA LYS A 1284 26.62 -14.63 15.61
C LYS A 1284 27.06 -15.86 16.41
N ALA A 1285 27.17 -15.76 17.73
CA ALA A 1285 27.59 -16.89 18.53
C ALA A 1285 26.47 -17.87 18.87
N PHE A 1286 25.23 -17.57 18.49
CA PHE A 1286 24.08 -18.36 18.86
C PHE A 1286 23.43 -19.00 17.64
N GLY A 1287 22.83 -20.16 17.87
CA GLY A 1287 21.91 -20.78 16.92
C GLY A 1287 20.55 -20.91 17.59
N VAL A 1288 19.50 -20.45 16.93
CA VAL A 1288 18.20 -20.28 17.59
C VAL A 1288 17.13 -21.06 16.86
N ILE A 1289 16.13 -21.49 17.63
CA ILE A 1289 14.86 -21.96 17.09
C ILE A 1289 13.76 -21.11 17.71
N PRO A 1290 13.14 -20.21 16.95
CA PRO A 1290 12.11 -19.32 17.51
C PRO A 1290 10.77 -20.03 17.67
N GLN A 1291 9.91 -19.40 18.47
CA GLN A 1291 8.58 -19.94 18.71
C GLN A 1291 7.64 -19.72 17.53
N LYS A 1292 7.88 -18.68 16.72
CA LYS A 1292 7.10 -18.42 15.53
C LYS A 1292 7.96 -18.70 14.30
N VAL A 1293 7.49 -19.61 13.45
CA VAL A 1293 8.24 -20.08 12.29
C VAL A 1293 8.02 -19.12 11.13
N PHE A 1294 9.11 -18.72 10.48
CA PHE A 1294 9.08 -17.79 9.35
C PHE A 1294 9.44 -18.54 8.07
N ILE A 1295 8.51 -18.54 7.11
CA ILE A 1295 8.74 -19.10 5.78
C ILE A 1295 8.31 -18.07 4.76
N PHE A 1296 9.25 -17.60 3.94
CA PHE A 1296 8.99 -16.58 2.95
C PHE A 1296 8.79 -17.19 1.57
N SER A 1297 8.39 -16.35 0.62
CA SER A 1297 8.19 -16.78 -0.75
C SER A 1297 9.54 -17.08 -1.40
N GLY A 1298 9.70 -18.30 -1.90
CA GLY A 1298 10.94 -18.71 -2.51
C GLY A 1298 10.99 -20.22 -2.60
N THR A 1299 12.14 -20.73 -3.03
CA THR A 1299 12.31 -22.16 -3.15
C THR A 1299 12.55 -22.79 -1.77
N PHE A 1300 12.47 -24.12 -1.73
CA PHE A 1300 12.89 -24.85 -0.54
C PHE A 1300 14.35 -24.55 -0.21
N ARG A 1301 15.21 -24.57 -1.23
CA ARG A 1301 16.63 -24.35 -1.01
C ARG A 1301 16.90 -22.94 -0.47
N LYS A 1302 16.23 -21.93 -1.04
CA LYS A 1302 16.42 -20.56 -0.56
C LYS A 1302 15.93 -20.40 0.87
N ASN A 1303 14.80 -21.01 1.20
CA ASN A 1303 14.30 -20.95 2.57
C ASN A 1303 15.25 -21.65 3.53
N LEU A 1304 15.98 -22.67 3.06
CA LEU A 1304 16.92 -23.35 3.95
C LEU A 1304 18.20 -22.53 4.16
N ASP A 1305 18.70 -21.85 3.14
CA ASP A 1305 19.83 -20.94 3.35
C ASP A 1305 19.83 -19.78 2.37
N PRO A 1306 19.56 -18.56 2.83
CA PRO A 1306 19.49 -17.41 1.92
C PRO A 1306 20.84 -16.87 1.49
N TYR A 1307 21.94 -17.28 2.11
CA TYR A 1307 23.27 -16.79 1.72
C TYR A 1307 23.96 -17.68 0.71
N GLU A 1308 23.41 -18.87 0.42
CA GLU A 1308 23.93 -19.78 -0.59
C GLU A 1308 25.41 -20.11 -0.36
N GLN A 1309 25.66 -20.79 0.77
CA GLN A 1309 27.00 -21.18 1.17
C GLN A 1309 27.17 -22.69 1.33
N TRP A 1310 26.16 -23.48 1.01
CA TRP A 1310 26.23 -24.93 1.16
C TRP A 1310 25.83 -25.60 -0.15
N SER A 1311 26.55 -26.68 -0.48
CA SER A 1311 26.25 -27.47 -1.65
C SER A 1311 24.98 -28.30 -1.41
N ASP A 1312 24.35 -28.71 -2.52
CA ASP A 1312 23.12 -29.47 -2.41
C ASP A 1312 23.33 -30.81 -1.71
N GLN A 1313 24.55 -31.35 -1.75
CA GLN A 1313 24.85 -32.59 -1.05
C GLN A 1313 24.65 -32.43 0.46
N GLU A 1314 25.20 -31.36 1.03
CA GLU A 1314 25.08 -31.12 2.46
C GLU A 1314 23.63 -30.87 2.86
N ILE A 1315 22.91 -30.10 2.04
CA ILE A 1315 21.51 -29.82 2.33
C ILE A 1315 20.69 -31.10 2.31
N TRP A 1316 20.95 -31.96 1.32
CA TRP A 1316 20.22 -33.24 1.26
C TRP A 1316 20.56 -34.12 2.45
N LYS A 1317 21.82 -34.15 2.87
CA LYS A 1317 22.19 -34.97 4.03
C LYS A 1317 21.49 -34.47 5.30
N VAL A 1318 21.46 -33.15 5.50
CA VAL A 1318 20.76 -32.60 6.66
C VAL A 1318 19.27 -32.93 6.60
N ALA A 1319 18.66 -32.79 5.42
CA ALA A 1319 17.25 -33.12 5.27
C ALA A 1319 17.00 -34.60 5.53
N ASP A 1320 17.95 -35.47 5.18
CA ASP A 1320 17.85 -36.87 5.53
C ASP A 1320 17.80 -37.03 7.04
N GLU A 1321 18.71 -36.35 7.74
CA GLU A 1321 18.82 -36.52 9.20
C GLU A 1321 17.56 -36.02 9.90
N VAL A 1322 17.03 -34.87 9.48
CA VAL A 1322 15.87 -34.29 10.16
C VAL A 1322 14.61 -35.09 9.83
N GLY A 1323 14.52 -35.64 8.63
CA GLY A 1323 13.37 -36.44 8.26
C GLY A 1323 12.42 -35.72 7.31
N LEU A 1324 13.00 -34.94 6.40
CA LEU A 1324 12.23 -34.15 5.45
C LEU A 1324 12.33 -34.70 4.03
N ARG A 1325 12.81 -35.94 3.88
CA ARG A 1325 13.00 -36.52 2.56
C ARG A 1325 11.70 -36.62 1.78
N SER A 1326 10.77 -37.42 2.29
CA SER A 1326 9.52 -37.66 1.55
C SER A 1326 8.70 -36.39 1.41
N VAL A 1327 8.77 -35.51 2.41
CA VAL A 1327 8.04 -34.24 2.32
C VAL A 1327 8.54 -33.42 1.13
N ILE A 1328 9.86 -33.34 0.96
CA ILE A 1328 10.42 -32.58 -0.15
C ILE A 1328 10.14 -33.30 -1.48
N GLU A 1329 10.32 -34.61 -1.51
CA GLU A 1329 10.12 -35.37 -2.75
C GLU A 1329 8.65 -35.48 -3.14
N GLN A 1330 7.74 -35.07 -2.26
CA GLN A 1330 6.31 -35.07 -2.58
C GLN A 1330 5.94 -34.01 -3.61
N PHE A 1331 6.79 -32.97 -3.82
CA PHE A 1331 6.40 -31.89 -4.72
C PHE A 1331 7.17 -31.97 -6.04
N PRO A 1332 6.58 -31.46 -7.13
CA PRO A 1332 7.19 -31.68 -8.46
C PRO A 1332 8.60 -31.17 -8.59
N GLY A 1333 8.92 -30.02 -8.02
CA GLY A 1333 10.29 -29.56 -7.98
C GLY A 1333 10.97 -29.93 -6.67
N LYS A 1334 11.71 -31.03 -6.66
CA LYS A 1334 12.43 -31.44 -5.47
C LYS A 1334 13.53 -30.43 -5.19
N LEU A 1335 13.38 -29.66 -4.11
CA LEU A 1335 14.27 -28.60 -3.68
C LEU A 1335 14.20 -27.36 -4.56
N ASP A 1336 13.39 -27.38 -5.61
CA ASP A 1336 13.17 -26.22 -6.46
C ASP A 1336 11.73 -25.74 -6.44
N PHE A 1337 10.84 -26.45 -5.75
CA PHE A 1337 9.46 -26.02 -5.60
C PHE A 1337 9.39 -24.67 -4.88
N VAL A 1338 8.54 -23.79 -5.38
CA VAL A 1338 8.36 -22.46 -4.81
C VAL A 1338 7.20 -22.51 -3.81
N LEU A 1339 7.47 -22.04 -2.59
CA LEU A 1339 6.47 -22.02 -1.53
C LEU A 1339 5.77 -20.66 -1.52
N VAL A 1340 4.44 -20.68 -1.53
CA VAL A 1340 3.63 -19.47 -1.54
C VAL A 1340 2.74 -19.46 -0.31
N ASP A 1341 2.15 -18.30 -0.03
CA ASP A 1341 1.21 -18.12 1.08
C ASP A 1341 1.84 -18.46 2.42
N GLY A 1342 3.14 -18.20 2.55
CA GLY A 1342 3.86 -18.51 3.77
C GLY A 1342 3.94 -20.00 4.06
N GLY A 1343 4.06 -20.81 3.02
CA GLY A 1343 4.10 -22.25 3.19
C GLY A 1343 2.75 -22.87 3.44
N CYS A 1344 1.78 -22.62 2.54
CA CYS A 1344 0.43 -23.15 2.74
C CYS A 1344 0.39 -24.66 2.56
N VAL A 1345 1.22 -25.20 1.65
CA VAL A 1345 1.15 -26.63 1.34
C VAL A 1345 1.74 -27.48 2.47
N LEU A 1346 2.53 -26.88 3.36
CA LEU A 1346 3.14 -27.65 4.43
C LEU A 1346 2.21 -27.77 5.62
N SER A 1347 2.28 -28.92 6.30
CA SER A 1347 1.55 -29.09 7.54
C SER A 1347 2.30 -28.41 8.68
N HIS A 1348 1.70 -28.40 9.87
CA HIS A 1348 2.25 -27.65 11.00
C HIS A 1348 3.60 -28.20 11.44
N GLY A 1349 3.73 -29.52 11.56
CA GLY A 1349 4.97 -30.10 12.05
C GLY A 1349 6.12 -30.01 11.06
N HIS A 1350 5.81 -29.96 9.76
CA HIS A 1350 6.84 -29.85 8.75
C HIS A 1350 7.61 -28.54 8.89
N LYS A 1351 6.92 -27.46 9.29
CA LYS A 1351 7.59 -26.19 9.49
C LYS A 1351 8.55 -26.24 10.66
N GLN A 1352 8.16 -26.92 11.75
CA GLN A 1352 9.08 -27.13 12.85
C GLN A 1352 10.31 -27.91 12.38
N LEU A 1353 10.10 -28.91 11.52
CA LEU A 1353 11.23 -29.67 11.00
C LEU A 1353 12.15 -28.79 10.16
N MET A 1354 11.56 -27.86 9.40
CA MET A 1354 12.33 -26.92 8.56
C MET A 1354 13.15 -25.99 9.46
N CYS A 1355 12.62 -25.61 10.63
CA CYS A 1355 13.36 -24.80 11.59
C CYS A 1355 14.51 -25.58 12.22
N LEU A 1356 14.27 -26.85 12.56
CA LEU A 1356 15.33 -27.68 13.12
C LEU A 1356 16.45 -27.89 12.10
N ALA A 1357 16.10 -28.06 10.83
CA ALA A 1357 17.11 -28.18 9.79
C ALA A 1357 17.95 -26.92 9.69
N ARG A 1358 17.31 -25.75 9.80
CA ARG A 1358 18.05 -24.49 9.81
C ARG A 1358 19.03 -24.43 10.97
N SER A 1359 18.58 -24.83 12.16
CA SER A 1359 19.46 -24.81 13.33
C SER A 1359 20.62 -25.79 13.17
N VAL A 1360 20.37 -26.93 12.51
CA VAL A 1360 21.43 -27.90 12.31
C VAL A 1360 22.44 -27.39 11.29
N LEU A 1361 21.98 -26.72 10.23
CA LEU A 1361 22.89 -26.24 9.20
C LEU A 1361 23.86 -25.20 9.73
N SER A 1362 23.47 -24.46 10.77
CA SER A 1362 24.35 -23.50 11.42
C SER A 1362 25.17 -24.23 12.48
N LYS A 1363 26.49 -24.17 12.36
CA LYS A 1363 27.39 -24.86 13.30
C LYS A 1363 27.70 -23.92 14.47
N ALA A 1364 26.67 -23.68 15.28
CA ALA A 1364 26.77 -22.76 16.41
C ALA A 1364 27.08 -23.51 17.69
N LYS A 1365 27.93 -22.92 18.53
CA LYS A 1365 28.36 -23.57 19.76
C LYS A 1365 27.32 -23.48 20.87
N ILE A 1366 26.44 -22.49 20.83
CA ILE A 1366 25.40 -22.31 21.84
C ILE A 1366 24.06 -22.21 21.15
N LEU A 1367 23.10 -23.02 21.59
CA LEU A 1367 21.79 -23.09 20.97
C LEU A 1367 20.70 -22.70 21.96
N LEU A 1368 19.75 -21.90 21.48
CA LEU A 1368 18.57 -21.49 22.24
C LEU A 1368 17.34 -21.98 21.49
N LEU A 1369 16.65 -22.98 22.06
CA LEU A 1369 15.53 -23.64 21.37
C LEU A 1369 14.24 -23.38 22.13
N ASP A 1370 13.32 -22.63 21.51
CA ASP A 1370 12.05 -22.27 22.14
C ASP A 1370 10.97 -23.24 21.67
N GLN A 1371 10.75 -24.30 22.47
CA GLN A 1371 9.76 -25.34 22.23
C GLN A 1371 9.86 -25.92 20.81
N PRO A 1372 10.94 -26.66 20.50
CA PRO A 1372 11.07 -27.21 19.15
C PRO A 1372 9.98 -28.21 18.79
N SER A 1373 9.33 -28.82 19.77
CA SER A 1373 8.26 -29.77 19.55
C SER A 1373 6.98 -29.16 20.14
N ALA A 1374 6.24 -28.43 19.33
CA ALA A 1374 5.05 -27.73 19.80
C ALA A 1374 3.79 -28.59 19.64
N HIS A 1375 3.56 -29.14 18.45
CA HIS A 1375 2.36 -29.93 18.18
C HIS A 1375 2.71 -31.35 17.73
N LEU A 1376 3.93 -31.80 17.96
CA LEU A 1376 4.36 -33.08 17.43
C LEU A 1376 3.83 -34.23 18.27
N ASP A 1377 3.61 -35.37 17.61
CA ASP A 1377 3.28 -36.60 18.31
C ASP A 1377 4.54 -37.21 18.91
N PRO A 1378 4.40 -38.09 19.92
CA PRO A 1378 5.59 -38.70 20.52
C PRO A 1378 6.47 -39.44 19.54
N VAL A 1379 5.90 -40.01 18.48
CA VAL A 1379 6.71 -40.67 17.46
C VAL A 1379 7.60 -39.66 16.74
N THR A 1380 7.02 -38.53 16.32
CA THR A 1380 7.80 -37.53 15.60
C THR A 1380 8.80 -36.82 16.50
N TYR A 1381 8.50 -36.73 17.80
CA TYR A 1381 9.45 -36.16 18.74
C TYR A 1381 10.75 -36.96 18.77
N GLN A 1382 10.66 -38.28 18.53
CA GLN A 1382 11.85 -39.11 18.48
C GLN A 1382 12.81 -38.63 17.40
N ILE A 1383 12.32 -37.85 16.44
CA ILE A 1383 13.19 -37.27 15.43
C ILE A 1383 14.10 -36.21 16.04
N ILE A 1384 13.48 -35.29 16.77
CA ILE A 1384 14.26 -34.20 17.45
C ILE A 1384 15.11 -34.86 18.54
N ARG A 1385 14.65 -35.99 19.10
CA ARG A 1385 15.53 -36.71 20.05
C ARG A 1385 16.68 -37.30 19.22
N ARG A 1386 17.79 -37.71 19.85
CA ARG A 1386 18.87 -38.39 19.06
C ARG A 1386 19.64 -37.35 18.24
N THR A 1387 18.95 -36.35 17.71
CA THR A 1387 19.63 -35.22 17.01
C THR A 1387 20.30 -34.32 18.06
N LEU A 1388 19.58 -33.95 19.11
CA LEU A 1388 20.20 -33.16 20.20
C LEU A 1388 21.40 -33.95 20.74
N LYS A 1389 21.48 -35.24 20.41
CA LYS A 1389 22.57 -36.08 20.87
C LYS A 1389 23.50 -36.51 19.73
N GLN A 1390 23.19 -36.13 18.48
CA GLN A 1390 24.22 -36.27 17.45
C GLN A 1390 24.54 -34.92 16.80
N ALA A 1391 23.51 -34.16 16.43
CA ALA A 1391 23.75 -32.88 15.77
C ALA A 1391 24.50 -31.92 16.68
N PHE A 1392 24.12 -31.86 17.96
CA PHE A 1392 24.75 -30.97 18.93
C PHE A 1392 25.38 -31.82 20.03
N ALA A 1393 26.62 -32.25 19.79
CA ALA A 1393 27.32 -33.08 20.77
C ALA A 1393 28.07 -32.24 21.80
N ASP A 1394 29.06 -31.47 21.36
CA ASP A 1394 29.76 -30.56 22.27
C ASP A 1394 29.20 -29.15 22.15
N CYS A 1395 27.93 -28.97 22.53
CA CYS A 1395 27.28 -27.68 22.46
C CYS A 1395 26.57 -27.40 23.78
N THR A 1396 26.50 -26.12 24.13
CA THR A 1396 25.69 -25.67 25.25
C THR A 1396 24.28 -25.40 24.74
N VAL A 1397 23.31 -26.12 25.29
CA VAL A 1397 21.93 -26.11 24.80
C VAL A 1397 21.02 -25.59 25.90
N ILE A 1398 20.21 -24.58 25.58
CA ILE A 1398 19.15 -24.09 26.46
C ILE A 1398 17.83 -24.42 25.80
N LEU A 1399 17.07 -25.32 26.43
CA LEU A 1399 15.92 -25.97 25.82
C LEU A 1399 14.66 -25.59 26.60
N CYS A 1400 13.85 -24.71 26.03
CA CYS A 1400 12.57 -24.32 26.63
C CYS A 1400 11.51 -25.29 26.12
N GLU A 1401 10.85 -25.99 27.05
CA GLU A 1401 9.90 -27.02 26.65
C GLU A 1401 8.78 -27.16 27.69
N HIS A 1402 7.58 -27.43 27.20
CA HIS A 1402 6.44 -27.79 28.04
C HIS A 1402 6.27 -29.30 28.18
N ARG A 1403 7.04 -30.09 27.43
CA ARG A 1403 6.88 -31.54 27.38
C ARG A 1403 7.76 -32.19 28.45
N ILE A 1404 7.13 -33.02 29.30
CA ILE A 1404 7.83 -33.60 30.44
C ILE A 1404 8.90 -34.60 30.00
N GLU A 1405 8.65 -35.34 28.93
CA GLU A 1405 9.62 -36.33 28.46
C GLU A 1405 10.96 -35.66 28.10
N ALA A 1406 10.91 -34.55 27.37
CA ALA A 1406 12.13 -33.88 26.94
C ALA A 1406 13.01 -33.44 28.11
N MET A 1407 12.43 -33.28 29.30
CA MET A 1407 13.19 -32.83 30.49
C MET A 1407 13.99 -34.00 31.09
N LEU A 1408 14.04 -35.17 30.43
CA LEU A 1408 14.84 -36.27 30.94
C LEU A 1408 16.28 -36.23 30.47
N GLU A 1409 16.63 -35.29 29.58
CA GLU A 1409 17.99 -35.17 29.06
C GLU A 1409 18.62 -33.83 29.43
N CYS A 1410 18.30 -33.31 30.61
CA CYS A 1410 18.87 -32.07 31.10
C CYS A 1410 19.63 -32.32 32.39
N GLN A 1411 20.73 -31.60 32.57
CA GLN A 1411 21.50 -31.67 33.81
C GLN A 1411 21.21 -30.53 34.76
N GLN A 1412 20.83 -29.37 34.19
CA GLN A 1412 20.48 -28.19 35.01
C GLN A 1412 19.03 -27.79 34.71
N PHE A 1413 18.33 -27.21 35.69
CA PHE A 1413 16.97 -26.76 35.47
C PHE A 1413 16.79 -25.35 36.00
N LEU A 1414 16.12 -24.51 35.21
CA LEU A 1414 15.76 -23.16 35.60
C LEU A 1414 14.25 -23.02 35.53
N VAL A 1415 13.64 -22.64 36.67
CA VAL A 1415 12.16 -22.51 36.81
C VAL A 1415 11.79 -21.03 37.01
N ILE A 1416 10.91 -20.49 36.19
CA ILE A 1416 10.51 -19.09 36.22
C ILE A 1416 9.19 -18.98 36.97
N GLU A 1417 9.16 -18.14 38.01
CA GLU A 1417 7.92 -17.86 38.72
C GLU A 1417 8.08 -16.57 39.50
N GLU A 1418 6.98 -15.82 39.58
CA GLU A 1418 6.95 -14.54 40.30
C GLU A 1418 8.01 -13.58 39.76
N ASN A 1419 8.23 -13.62 38.44
CA ASN A 1419 9.24 -12.82 37.76
C ASN A 1419 10.64 -13.09 38.30
N LYS A 1420 10.91 -14.32 38.72
CA LYS A 1420 12.19 -14.70 39.29
C LYS A 1420 12.60 -16.08 38.79
N VAL A 1421 13.89 -16.37 38.88
CA VAL A 1421 14.48 -17.60 38.36
C VAL A 1421 15.08 -18.39 39.51
N ARG A 1422 14.72 -19.67 39.60
CA ARG A 1422 15.26 -20.56 40.62
C ARG A 1422 15.89 -21.77 39.95
N GLN A 1423 17.02 -22.22 40.49
CA GLN A 1423 17.89 -23.20 39.85
C GLN A 1423 17.89 -24.52 40.60
N TYR A 1424 17.85 -25.62 39.86
CA TYR A 1424 17.77 -26.96 40.42
C TYR A 1424 18.72 -27.91 39.68
N ASP A 1425 19.15 -28.95 40.38
CA ASP A 1425 20.07 -29.94 39.83
C ASP A 1425 19.36 -31.20 39.33
N SER A 1426 18.30 -31.64 39.99
CA SER A 1426 17.58 -32.85 39.58
C SER A 1426 16.10 -32.53 39.45
N ILE A 1427 15.44 -33.19 38.51
CA ILE A 1427 14.03 -32.93 38.28
C ILE A 1427 13.15 -33.65 39.32
N GLN A 1428 13.66 -34.69 39.98
CA GLN A 1428 12.93 -35.27 41.11
C GLN A 1428 12.79 -34.26 42.24
N LYS A 1429 13.87 -33.55 42.55
CA LYS A 1429 13.82 -32.49 43.55
C LYS A 1429 12.87 -31.38 43.11
N LEU A 1430 12.90 -31.03 41.82
CA LEU A 1430 12.00 -30.01 41.29
C LEU A 1430 10.54 -30.41 41.50
N LEU A 1431 10.20 -31.64 41.12
CA LEU A 1431 8.81 -32.11 41.17
C LEU A 1431 8.38 -32.58 42.55
N ASN A 1432 9.29 -32.66 43.52
CA ASN A 1432 8.90 -32.99 44.87
C ASN A 1432 8.23 -31.81 45.58
N GLU A 1433 8.65 -30.58 45.28
CA GLU A 1433 8.15 -29.41 45.97
C GLU A 1433 6.88 -28.83 45.34
N ARG A 1434 6.37 -29.43 44.27
CA ARG A 1434 5.18 -28.92 43.57
C ARG A 1434 4.17 -30.06 43.46
N SER A 1435 3.19 -30.08 44.37
CA SER A 1435 2.27 -31.20 44.44
C SER A 1435 1.28 -31.19 43.29
N LEU A 1436 0.70 -30.03 42.99
CA LEU A 1436 -0.26 -29.94 41.89
C LEU A 1436 0.39 -30.28 40.55
N PHE A 1437 1.57 -29.72 40.30
CA PHE A 1437 2.27 -29.97 39.04
C PHE A 1437 2.64 -31.44 38.91
N ARG A 1438 3.06 -32.07 40.02
CA ARG A 1438 3.36 -33.48 40.00
C ARG A 1438 2.11 -34.31 39.73
N GLN A 1439 0.98 -33.93 40.34
CA GLN A 1439 -0.28 -34.63 40.10
C GLN A 1439 -0.78 -34.45 38.68
N ALA A 1440 -0.34 -33.42 37.98
CA ALA A 1440 -0.73 -33.24 36.58
C ALA A 1440 0.06 -34.11 35.61
N ILE A 1441 1.14 -34.77 36.05
CA ILE A 1441 1.97 -35.53 35.14
C ILE A 1441 1.26 -36.80 34.68
N SER A 1442 1.39 -37.10 33.39
CA SER A 1442 0.85 -38.33 32.83
C SER A 1442 1.57 -39.53 33.43
N PRO A 1443 0.87 -40.66 33.75
CA PRO A 1443 1.48 -41.82 34.44
C PRO A 1443 2.61 -42.53 33.69
N SER A 1444 2.49 -42.76 32.38
CA SER A 1444 3.62 -43.33 31.65
C SER A 1444 4.84 -42.44 31.82
N ASP A 1445 4.64 -41.13 31.71
CA ASP A 1445 5.70 -40.18 32.02
C ASP A 1445 6.14 -40.31 33.47
N ARG A 1446 5.21 -40.61 34.39
CA ARG A 1446 5.57 -40.78 35.79
C ARG A 1446 6.39 -42.05 36.01
N VAL A 1447 6.10 -43.11 35.26
CA VAL A 1447 6.96 -44.30 35.28
C VAL A 1447 8.35 -43.94 34.78
N LYS A 1448 8.43 -43.18 33.69
CA LYS A 1448 9.73 -42.78 33.16
C LYS A 1448 10.46 -41.81 34.10
N LEU A 1449 9.75 -41.10 34.97
CA LEU A 1449 10.38 -40.18 35.91
C LEU A 1449 10.72 -40.84 37.23
N PHE A 1450 9.82 -41.67 37.76
CA PHE A 1450 10.02 -42.40 39.02
C PHE A 1450 9.95 -43.89 38.73
N PRO A 1451 11.04 -44.48 38.21
CA PRO A 1451 11.06 -45.90 37.88
C PRO A 1451 10.97 -46.79 39.12
#